data_7R8L
#
_entry.id   7R8L
#
_cell.length_a   109.947
_cell.length_b   109.947
_cell.length_c   228.554
_cell.angle_alpha   90.000
_cell.angle_beta   90.000
_cell.angle_gamma   90.000
#
_symmetry.space_group_name_H-M   'P 41 21 2'
#
loop_
_entity.id
_entity.type
_entity.pdbx_description
1 polymer 'C099 Fab Heavy Chain'
2 polymer 'C099 Fab Light Chain'
3 polymer 'Spike protein S1'
4 polymer 'CR3022 Fab heavy chain'
5 polymer 'CR3022 Fab light chain'
6 branched beta-D-mannopyranose-(1-4)-2-acetamido-2-deoxy-beta-D-glucopyranose-(1-4)-[alpha-L-fucopyranose-(1-6)]2-acetamido-2-deoxy-beta-D-glucopyranose
7 water water
#
loop_
_entity_poly.entity_id
_entity_poly.type
_entity_poly.pdbx_seq_one_letter_code
_entity_poly.pdbx_strand_id
1 'polypeptide(L)'
;VQLVESGGGLIQPGGSLRLSCAASGITVSSNYMSWVRQAPGKGLEWVSVMYAGGSTFYADSVKGRFTISRDDSKNTLFLQ
MNSLRAEDTAIYYCARDLYSSGGTDIWGQGTMVTVSSASTKGPSVFPLAPSSKSTSGGTAALGCLVKDYFPEPVTVSWNS
GALTSGVHTFPAVLQSSGLYSLSSVVTVPSSSLGTQTYICNVNHKPSNTKVDKRVEPK
;
H
2 'polypeptide(L)'
;EIVLTQSPGTLSLSPGERATLSCRASQSIGSSYLAWYQQKPGLAPRLLIYGASRRATGIPDKFSGSGSGADFTLTISRLE
PEDFAVYYCQQYGSSPGTFGQGTKVEIKRTVAAPSVFIFPPSDEQLKSGTASVVCLLNNFYPREAKVQWKVDNALQSGNS
QESVTEQDSKDSTYSLSSTLTLSKADYEKHKVYACEVTHQGLSSPVTKSFNRG
;
L
3 'polypeptide(L)'
;NLCPFGEVFNATRFASVYAWNRKRISNCVADYSVLYNSASFSTFKCYGVSPTKLNDLCFTNVYADSFVIRGDEVRQIAPG
QTGKIADYNYKLPDDFTGCVIAWNSNNLDSKVGGNYNYLYRLFRKSNLKPFERDISTEIYQAGSTPCNGVEGFNCYFPLQ
SYGFQPTNGVGYQPYRVVVLSFELLHAPATVCGPK
;
E
4 'polypeptide(L)'
;QMQLVQSGTEVKKPGESLKISCKGSGYGFITYWIGWVRQMPGKGLEWMGIIYPGDSETRYSPSFQGQVTISADKSINTAY
LQWSSLKASDTAIYYCAGGSGISTPMDVWGQGTTVTVSSASTKGPSVFPLAPSSKSTSGGTAALGCLVKDYFPEPVTVSW
NSGALTSGVHTFPAVLQSSGLYSLSSVVTVPSSSLGTQTYICNVNHKPSNTKVDKKVEPKSC
;
C
5 'polypeptide(L)'
;DIQLTQSPDSLAVSLGERATINCKSSQSVLYSSINKNYLAWYQQKPGQPPKLLIYWASTRESGVPDRFSGSGSGTDFTLT
ISSLQAEDVAVYYCQQYYSTPYTFGQGTKVEIKRTVAAPSVFIFPPSDEQLKSGTASVVCLLNNFYPREAKVQWKVDNAL
QSGNSQESVTEQDSKDSTYSLSSTLTLSKADYEKHKVYACEVTHQGLSSPVTKSFNRGECS
;
D
#
loop_
_chem_comp.id
_chem_comp.type
_chem_comp.name
_chem_comp.formula
BMA D-saccharide, beta linking beta-D-mannopyranose 'C6 H12 O6'
FUC L-saccharide, alpha linking alpha-L-fucopyranose 'C6 H12 O5'
NAG D-saccharide, beta linking 2-acetamido-2-deoxy-beta-D-glucopyranose 'C8 H15 N O6'
#
# COMPACT_ATOMS: atom_id res chain seq x y z
N VAL A 1 -28.79 13.17 27.03
CA VAL A 1 -27.95 12.78 25.88
C VAL A 1 -28.39 11.46 25.26
N GLN A 2 -28.75 11.46 23.97
CA GLN A 2 -29.02 10.21 23.27
C GLN A 2 -28.48 10.24 21.85
N LEU A 3 -27.93 9.11 21.42
CA LEU A 3 -27.58 8.83 20.04
C LEU A 3 -28.52 7.73 19.53
N VAL A 4 -29.10 7.93 18.35
CA VAL A 4 -30.08 6.96 17.82
C VAL A 4 -29.78 6.67 16.36
N GLU A 5 -29.57 5.39 16.05
CA GLU A 5 -29.15 4.96 14.73
C GLU A 5 -30.33 4.41 13.92
N SER A 6 -30.21 4.50 12.60
CA SER A 6 -31.23 4.01 11.69
C SER A 6 -30.58 3.72 10.35
N GLY A 7 -31.30 2.98 9.50
CA GLY A 7 -30.88 2.72 8.15
C GLY A 7 -30.34 1.33 7.90
N GLY A 8 -30.24 0.51 8.94
CA GLY A 8 -29.83 -0.86 8.75
C GLY A 8 -30.97 -1.70 8.21
N GLY A 9 -30.60 -2.74 7.48
CA GLY A 9 -31.58 -3.62 6.87
C GLY A 9 -30.86 -4.64 6.03
N LEU A 10 -31.61 -5.33 5.17
CA LEU A 10 -31.00 -6.35 4.33
C LEU A 10 -30.60 -5.73 3.00
N ILE A 11 -29.45 -6.15 2.48
CA ILE A 11 -28.89 -5.59 1.25
C ILE A 11 -28.07 -6.70 0.58
N GLN A 12 -28.03 -6.68 -0.74
CA GLN A 12 -27.33 -7.75 -1.41
C GLN A 12 -25.83 -7.44 -1.49
N PRO A 13 -24.98 -8.46 -1.62
CA PRO A 13 -23.55 -8.22 -1.85
C PRO A 13 -23.33 -7.26 -3.02
N GLY A 14 -22.34 -6.36 -2.86
CA GLY A 14 -22.11 -5.29 -3.81
C GLY A 14 -23.04 -4.11 -3.67
N GLY A 15 -24.02 -4.17 -2.78
CA GLY A 15 -25.00 -3.12 -2.65
C GLY A 15 -24.54 -1.99 -1.73
N SER A 16 -25.46 -1.08 -1.48
CA SER A 16 -25.16 0.12 -0.71
C SER A 16 -26.19 0.34 0.37
N LEU A 17 -25.74 0.97 1.45
CA LEU A 17 -26.62 1.32 2.54
C LEU A 17 -26.10 2.59 3.15
N ARG A 18 -26.99 3.44 3.61
CA ARG A 18 -26.58 4.64 4.33
C ARG A 18 -27.13 4.61 5.76
N LEU A 19 -26.23 4.56 6.75
CA LEU A 19 -26.64 4.61 8.15
C LEU A 19 -26.69 6.06 8.62
N SER A 20 -27.65 6.33 9.50
CA SER A 20 -27.87 7.63 10.10
C SER A 20 -27.80 7.51 11.61
N CYS A 21 -27.34 8.57 12.27
CA CYS A 21 -27.17 8.60 13.71
C CYS A 21 -27.54 10.01 14.19
N ALA A 22 -28.74 10.15 14.75
CA ALA A 22 -29.20 11.42 15.28
C ALA A 22 -28.68 11.61 16.69
N ALA A 23 -28.30 12.84 17.00
CA ALA A 23 -27.72 13.15 18.29
C ALA A 23 -28.48 14.28 18.98
N SER A 24 -28.76 14.08 20.27
CA SER A 24 -29.31 15.11 21.14
C SER A 24 -28.47 15.18 22.41
N GLY A 25 -27.94 16.37 22.72
CA GLY A 25 -27.20 16.57 23.95
C GLY A 25 -25.71 16.75 23.76
N ILE A 26 -25.19 16.33 22.62
CA ILE A 26 -23.84 16.66 22.17
C ILE A 26 -24.01 17.29 20.81
N THR A 27 -23.07 18.15 20.42
CA THR A 27 -23.06 18.73 19.08
C THR A 27 -22.11 17.92 18.21
N VAL A 28 -22.66 17.22 17.22
CA VAL A 28 -21.85 16.28 16.45
C VAL A 28 -20.69 17.00 15.76
N SER A 29 -20.93 18.22 15.24
CA SER A 29 -19.85 18.93 14.55
C SER A 29 -18.77 19.41 15.49
N SER A 30 -18.98 19.35 16.80
CA SER A 30 -17.99 19.76 17.79
C SER A 30 -17.22 18.59 18.38
N ASN A 31 -17.53 17.35 17.98
CA ASN A 31 -16.99 16.17 18.63
C ASN A 31 -16.28 15.24 17.66
N TYR A 32 -15.34 14.46 18.21
CA TYR A 32 -14.91 13.20 17.59
C TYR A 32 -16.07 12.22 17.61
N MET A 33 -16.60 11.87 16.44
CA MET A 33 -17.67 10.89 16.35
C MET A 33 -17.22 9.64 15.59
N SER A 34 -17.65 8.48 16.07
CA SER A 34 -17.13 7.22 15.56
C SER A 34 -18.24 6.24 15.22
N TRP A 35 -17.91 5.35 14.29
CA TRP A 35 -18.71 4.17 13.99
C TRP A 35 -17.91 2.94 14.42
N VAL A 36 -18.54 2.12 15.24
CA VAL A 36 -18.00 0.88 15.78
C VAL A 36 -18.99 -0.22 15.45
N ARG A 37 -18.51 -1.34 14.96
CA ARG A 37 -19.42 -2.41 14.60
C ARG A 37 -19.05 -3.73 15.28
N GLN A 38 -20.04 -4.60 15.32
CA GLN A 38 -19.95 -5.86 16.03
C GLN A 38 -20.65 -6.92 15.21
N ALA A 39 -19.88 -7.81 14.58
CA ALA A 39 -20.45 -8.94 13.87
C ALA A 39 -21.06 -9.92 14.89
N PRO A 40 -22.01 -10.75 14.48
CA PRO A 40 -22.72 -11.60 15.45
C PRO A 40 -21.76 -12.50 16.23
N GLY A 41 -21.75 -12.31 17.55
CA GLY A 41 -20.88 -13.02 18.49
C GLY A 41 -19.39 -12.86 18.28
N LYS A 42 -18.91 -11.63 18.04
CA LYS A 42 -17.56 -11.49 17.48
C LYS A 42 -16.69 -10.39 18.10
N GLY A 43 -17.23 -9.40 18.81
CA GLY A 43 -16.33 -8.42 19.41
C GLY A 43 -16.27 -7.13 18.62
N LEU A 44 -15.94 -6.03 19.32
CA LEU A 44 -16.08 -4.70 18.75
C LEU A 44 -15.02 -4.40 17.69
N GLU A 45 -15.43 -3.84 16.57
CA GLU A 45 -14.54 -3.38 15.52
C GLU A 45 -14.79 -1.89 15.26
N TRP A 46 -13.77 -1.08 15.48
CA TRP A 46 -13.83 0.36 15.33
C TRP A 46 -13.52 0.68 13.88
N VAL A 47 -14.54 1.13 13.12
CA VAL A 47 -14.34 1.24 11.67
C VAL A 47 -14.09 2.67 11.21
N SER A 48 -14.63 3.65 11.93
CA SER A 48 -14.47 5.00 11.37
C SER A 48 -14.49 6.06 12.46
N VAL A 49 -13.83 7.19 12.20
CA VAL A 49 -13.94 8.35 13.07
C VAL A 49 -13.90 9.62 12.24
N MET A 50 -14.71 10.60 12.63
CA MET A 50 -14.74 11.95 12.07
C MET A 50 -14.37 12.96 13.15
N TYR A 51 -13.38 13.79 12.84
CA TYR A 51 -12.93 14.85 13.73
C TYR A 51 -13.86 16.06 13.62
N ALA A 52 -13.88 16.88 14.68
CA ALA A 52 -14.73 18.08 14.70
C ALA A 52 -14.48 18.98 13.48
N GLY A 53 -13.21 19.12 13.09
CA GLY A 53 -12.78 19.96 12.00
C GLY A 53 -12.88 19.32 10.63
N GLY A 54 -13.43 18.11 10.51
CA GLY A 54 -13.75 17.53 9.23
C GLY A 54 -12.89 16.37 8.81
N SER A 55 -11.75 16.12 9.45
CA SER A 55 -10.92 14.99 9.04
C SER A 55 -11.60 13.66 9.36
N THR A 56 -11.38 12.67 8.48
CA THR A 56 -12.01 11.36 8.53
C THR A 56 -10.94 10.29 8.48
N PHE A 57 -11.20 9.16 9.16
CA PHE A 57 -10.22 8.08 9.23
C PHE A 57 -10.97 6.76 9.24
N TYR A 58 -10.35 5.74 8.63
CA TYR A 58 -11.00 4.47 8.42
C TYR A 58 -10.08 3.35 8.83
N ALA A 59 -10.68 2.30 9.40
CA ALA A 59 -9.99 1.01 9.53
C ALA A 59 -9.70 0.45 8.14
N ASP A 60 -8.61 -0.30 8.03
CA ASP A 60 -8.20 -0.83 6.73
C ASP A 60 -9.26 -1.75 6.12
N SER A 61 -10.01 -2.47 6.97
CA SER A 61 -11.05 -3.40 6.53
C SER A 61 -12.21 -2.75 5.78
N VAL A 62 -12.32 -1.42 5.80
CA VAL A 62 -13.39 -0.70 5.09
C VAL A 62 -12.87 0.47 4.30
N LYS A 63 -11.58 0.77 4.37
CA LYS A 63 -11.00 1.87 3.59
C LYS A 63 -11.33 1.68 2.13
N GLY A 64 -11.84 2.74 1.51
CA GLY A 64 -12.23 2.72 0.13
C GLY A 64 -13.70 2.45 -0.09
N ARG A 65 -14.35 1.70 0.79
CA ARG A 65 -15.76 1.39 0.61
C ARG A 65 -16.71 2.25 1.46
N PHE A 66 -16.31 2.66 2.66
CA PHE A 66 -17.17 3.41 3.57
C PHE A 66 -16.75 4.87 3.60
N THR A 67 -17.74 5.76 3.73
CA THR A 67 -17.51 7.19 3.88
C THR A 67 -18.29 7.66 5.09
N ILE A 68 -17.61 8.26 6.04
CA ILE A 68 -18.25 8.83 7.20
C ILE A 68 -18.49 10.31 6.90
N SER A 69 -19.62 10.87 7.35
CA SER A 69 -19.88 12.29 7.08
C SER A 69 -20.90 12.80 8.09
N ARG A 70 -21.32 14.05 7.92
CA ARG A 70 -22.30 14.58 8.86
C ARG A 70 -23.10 15.72 8.25
N ASP A 71 -24.19 16.06 8.95
CA ASP A 71 -25.04 17.22 8.70
C ASP A 71 -25.10 18.01 10.00
N ASP A 72 -24.37 19.14 10.04
CA ASP A 72 -24.34 19.98 11.25
C ASP A 72 -25.73 20.49 11.63
N SER A 73 -26.58 20.81 10.63
CA SER A 73 -27.94 21.30 10.90
C SER A 73 -28.86 20.21 11.42
N LYS A 74 -28.79 19.00 10.85
CA LYS A 74 -29.58 17.91 11.38
C LYS A 74 -29.00 17.33 12.67
N ASN A 75 -27.78 17.76 13.07
CA ASN A 75 -27.00 17.15 14.14
C ASN A 75 -26.94 15.64 13.97
N THR A 76 -26.51 15.22 12.78
CA THR A 76 -26.62 13.82 12.39
C THR A 76 -25.31 13.34 11.77
N LEU A 77 -24.87 12.15 12.19
CA LEU A 77 -23.69 11.50 11.64
C LEU A 77 -24.14 10.41 10.66
N PHE A 78 -23.35 10.18 9.60
CA PHE A 78 -23.71 9.23 8.55
C PHE A 78 -22.57 8.27 8.27
N LEU A 79 -22.94 7.05 7.87
CA LEU A 79 -22.01 6.07 7.32
C LEU A 79 -22.55 5.58 5.99
N GLN A 80 -21.94 6.05 4.91
CA GLN A 80 -22.24 5.61 3.56
C GLN A 80 -21.42 4.35 3.28
N MET A 81 -22.10 3.23 3.03
CA MET A 81 -21.47 1.94 2.80
C MET A 81 -21.68 1.52 1.35
N ASN A 82 -20.57 1.27 0.63
CA ASN A 82 -20.57 0.75 -0.74
C ASN A 82 -19.81 -0.55 -0.79
N SER A 83 -20.00 -1.28 -1.90
CA SER A 83 -19.36 -2.59 -2.12
C SER A 83 -19.50 -3.48 -0.90
N LEU A 84 -20.69 -3.47 -0.30
CA LEU A 84 -20.91 -4.27 0.90
C LEU A 84 -20.60 -5.73 0.60
N ARG A 85 -19.95 -6.38 1.56
CA ARG A 85 -19.63 -7.80 1.51
C ARG A 85 -20.27 -8.51 2.69
N ALA A 86 -20.19 -9.84 2.68
CA ALA A 86 -20.88 -10.63 3.71
C ALA A 86 -20.33 -10.33 5.10
N GLU A 87 -19.03 -10.04 5.18
CA GLU A 87 -18.34 -9.76 6.43
C GLU A 87 -18.67 -8.38 6.98
N ASP A 88 -19.41 -7.56 6.24
CA ASP A 88 -19.90 -6.32 6.81
C ASP A 88 -21.15 -6.54 7.66
N THR A 89 -21.70 -7.75 7.68
CA THR A 89 -22.88 -8.04 8.47
C THR A 89 -22.59 -7.86 9.96
N ALA A 90 -23.34 -6.97 10.62
CA ALA A 90 -23.02 -6.64 11.99
C ALA A 90 -24.02 -5.63 12.52
N ILE A 91 -23.96 -5.39 13.83
CA ILE A 91 -24.63 -4.23 14.40
C ILE A 91 -23.66 -3.07 14.39
N TYR A 92 -24.14 -1.90 13.98
CA TYR A 92 -23.34 -0.70 13.87
C TYR A 92 -23.81 0.29 14.93
N TYR A 93 -22.87 0.81 15.71
CA TYR A 93 -23.13 1.86 16.69
C TYR A 93 -22.38 3.11 16.27
N CYS A 94 -22.96 4.27 16.59
CA CYS A 94 -22.19 5.50 16.63
C CYS A 94 -21.88 5.85 18.08
N ALA A 95 -20.79 6.58 18.27
CA ALA A 95 -20.34 6.92 19.61
C ALA A 95 -19.61 8.25 19.54
N ARG A 96 -19.48 8.87 20.70
CA ARG A 96 -18.73 10.12 20.87
C ARG A 96 -17.46 9.81 21.64
N ASP A 97 -16.32 10.28 21.14
CA ASP A 97 -15.02 9.94 21.72
C ASP A 97 -14.38 11.14 22.41
N LEU A 98 -13.73 10.86 23.53
CA LEU A 98 -13.02 11.87 24.28
C LEU A 98 -11.55 11.53 24.50
N TYR A 99 -11.10 10.34 24.12
CA TYR A 99 -9.67 9.98 24.14
C TYR A 99 -9.18 10.15 25.56
N SER A 100 -8.02 10.77 25.80
CA SER A 100 -7.51 10.84 27.17
C SER A 100 -8.40 11.64 28.13
N SER A 101 -9.39 12.39 27.63
CA SER A 101 -10.20 13.24 28.50
C SER A 101 -11.52 12.60 28.88
N GLY A 102 -11.71 11.35 28.53
CA GLY A 102 -12.95 10.64 28.78
C GLY A 102 -12.97 9.41 27.91
N GLY A 103 -13.96 8.62 28.05
CA GLY A 103 -13.88 7.47 27.18
C GLY A 103 -14.40 7.75 25.79
N THR A 104 -14.77 6.65 25.15
CA THR A 104 -15.92 6.63 24.27
C THR A 104 -17.11 6.49 25.19
N ASP A 105 -17.64 7.63 25.64
CA ASP A 105 -18.58 7.61 26.77
C ASP A 105 -20.03 7.53 26.34
N ILE A 106 -20.40 8.08 25.18
CA ILE A 106 -21.77 8.03 24.70
C ILE A 106 -21.82 7.07 23.52
N TRP A 107 -22.70 6.07 23.60
CA TRP A 107 -22.90 5.10 22.54
C TRP A 107 -24.37 5.10 22.12
N GLY A 108 -24.63 4.81 20.85
CA GLY A 108 -26.00 4.67 20.42
C GLY A 108 -26.61 3.36 20.89
N GLN A 109 -27.67 2.92 20.22
CA GLN A 109 -28.33 1.65 20.53
C GLN A 109 -28.06 0.56 19.51
N GLY A 110 -27.57 0.90 18.32
CA GLY A 110 -27.26 -0.10 17.31
C GLY A 110 -28.27 -0.19 16.20
N THR A 111 -27.81 -0.39 14.96
CA THR A 111 -28.69 -0.76 13.86
C THR A 111 -28.09 -1.97 13.15
N MET A 112 -28.91 -3.00 12.86
CA MET A 112 -28.42 -4.26 12.30
C MET A 112 -28.33 -4.17 10.77
N VAL A 113 -27.20 -4.61 10.22
CA VAL A 113 -26.99 -4.62 8.79
C VAL A 113 -26.69 -6.06 8.38
N THR A 114 -27.45 -6.58 7.45
CA THR A 114 -27.29 -7.95 6.96
C THR A 114 -26.96 -7.88 5.49
N VAL A 115 -25.84 -8.48 5.11
CA VAL A 115 -25.40 -8.51 3.71
C VAL A 115 -25.57 -9.95 3.23
N SER A 116 -26.66 -10.20 2.50
CA SER A 116 -26.96 -11.55 2.02
C SER A 116 -27.73 -11.47 0.70
N SER A 117 -27.58 -12.53 -0.12
CA SER A 117 -28.38 -12.70 -1.33
C SER A 117 -29.78 -13.20 -1.02
N ALA A 118 -29.98 -13.79 0.16
CA ALA A 118 -31.26 -14.40 0.49
C ALA A 118 -32.34 -13.34 0.57
N SER A 119 -33.56 -13.77 0.32
CA SER A 119 -34.70 -12.88 0.29
C SER A 119 -35.31 -12.76 1.68
N THR A 120 -36.07 -11.70 1.86
CA THR A 120 -36.78 -11.47 3.11
C THR A 120 -37.98 -12.40 3.20
N LYS A 121 -38.22 -12.93 4.39
CA LYS A 121 -39.30 -13.87 4.60
C LYS A 121 -39.83 -13.70 6.03
N GLY A 122 -41.14 -13.49 6.15
CA GLY A 122 -41.76 -13.37 7.45
C GLY A 122 -41.95 -14.73 8.09
N PRO A 123 -42.02 -14.76 9.42
CA PRO A 123 -42.03 -16.05 10.12
C PRO A 123 -43.43 -16.66 10.22
N SER A 124 -43.43 -17.97 10.44
CA SER A 124 -44.60 -18.69 10.89
C SER A 124 -44.51 -18.84 12.40
N VAL A 125 -45.61 -18.65 13.10
CA VAL A 125 -45.61 -18.74 14.56
C VAL A 125 -46.51 -19.88 14.96
N PHE A 126 -46.00 -20.75 15.82
CA PHE A 126 -46.70 -21.96 16.21
C PHE A 126 -46.78 -22.08 17.74
N PRO A 127 -47.89 -22.58 18.28
CA PRO A 127 -48.00 -22.67 19.74
C PRO A 127 -47.20 -23.84 20.29
N LEU A 128 -46.57 -23.60 21.44
CA LEU A 128 -45.94 -24.63 22.27
C LEU A 128 -46.88 -24.79 23.46
N ALA A 129 -47.88 -25.62 23.27
CA ALA A 129 -48.94 -25.78 24.24
C ALA A 129 -48.43 -26.48 25.49
N PRO A 130 -48.88 -26.08 26.68
CA PRO A 130 -48.54 -26.82 27.89
C PRO A 130 -49.34 -28.12 27.98
N SER A 131 -48.83 -29.04 28.80
CA SER A 131 -49.40 -30.37 28.92
C SER A 131 -49.26 -30.88 30.35
N SER A 132 -49.86 -32.04 30.60
CA SER A 132 -49.90 -32.66 31.93
C SER A 132 -50.50 -31.72 32.97
N GLY A 137 -43.38 -28.52 38.54
CA GLY A 137 -44.29 -29.01 39.56
C GLY A 137 -45.23 -27.91 40.04
N GLY A 138 -46.51 -28.00 39.66
CA GLY A 138 -47.41 -26.88 39.76
C GLY A 138 -47.00 -25.66 38.95
N THR A 139 -45.83 -25.69 38.32
CA THR A 139 -45.42 -24.70 37.34
C THR A 139 -45.59 -25.27 35.95
N ALA A 140 -46.23 -24.52 35.05
CA ALA A 140 -46.43 -24.93 33.66
C ALA A 140 -45.48 -24.15 32.76
N ALA A 141 -45.11 -24.75 31.64
CA ALA A 141 -44.32 -24.05 30.64
C ALA A 141 -45.06 -24.01 29.32
N LEU A 142 -44.99 -22.87 28.64
CA LEU A 142 -45.61 -22.76 27.32
C LEU A 142 -44.88 -21.70 26.54
N GLY A 143 -45.00 -21.76 25.23
CA GLY A 143 -44.31 -20.81 24.40
C GLY A 143 -44.81 -20.72 22.98
N CYS A 144 -43.94 -20.19 22.13
CA CYS A 144 -44.21 -19.87 20.74
C CYS A 144 -42.97 -20.22 19.94
N LEU A 145 -43.15 -20.90 18.83
CA LEU A 145 -42.07 -21.21 17.91
C LEU A 145 -42.16 -20.25 16.73
N VAL A 146 -41.18 -19.37 16.60
CA VAL A 146 -41.06 -18.39 15.53
C VAL A 146 -40.12 -19.02 14.50
N LYS A 147 -40.66 -19.53 13.40
CA LYS A 147 -39.91 -20.42 12.51
C LYS A 147 -39.85 -19.85 11.09
N ASP A 148 -38.67 -20.01 10.45
CA ASP A 148 -38.48 -19.79 9.02
C ASP A 148 -38.68 -18.32 8.65
N TYR A 149 -37.72 -17.49 9.08
CA TYR A 149 -37.74 -16.07 8.75
C TYR A 149 -36.35 -15.59 8.39
N PHE A 150 -36.29 -14.38 7.80
CA PHE A 150 -35.03 -13.77 7.37
C PHE A 150 -35.30 -12.31 7.01
N PRO A 151 -34.36 -11.38 7.31
CA PRO A 151 -33.16 -11.61 8.13
C PRO A 151 -33.50 -11.42 9.61
N GLU A 152 -32.48 -11.29 10.46
CA GLU A 152 -32.66 -10.79 11.82
C GLU A 152 -33.21 -9.36 11.79
N PRO A 153 -33.98 -8.93 12.81
CA PRO A 153 -34.42 -9.63 14.01
C PRO A 153 -35.91 -9.76 14.14
N VAL A 154 -36.27 -10.66 15.04
CA VAL A 154 -37.63 -10.79 15.54
C VAL A 154 -37.63 -10.28 16.97
N THR A 155 -38.66 -9.53 17.32
CA THR A 155 -38.95 -9.24 18.71
C THR A 155 -40.20 -10.02 19.14
N VAL A 156 -40.24 -10.41 20.40
CA VAL A 156 -41.33 -11.22 20.94
C VAL A 156 -41.70 -10.67 22.30
N SER A 157 -42.99 -10.47 22.52
CA SER A 157 -43.48 -10.09 23.82
C SER A 157 -44.67 -10.98 24.16
N TRP A 158 -45.14 -10.88 25.40
CA TRP A 158 -46.22 -11.73 25.86
C TRP A 158 -47.31 -10.86 26.49
N ASN A 159 -48.55 -11.06 26.04
CA ASN A 159 -49.68 -10.26 26.51
C ASN A 159 -49.40 -8.77 26.34
N SER A 160 -48.86 -8.41 25.18
CA SER A 160 -48.53 -7.03 24.80
C SER A 160 -47.58 -6.35 25.77
N GLY A 161 -46.77 -7.13 26.51
CA GLY A 161 -45.83 -6.62 27.49
C GLY A 161 -46.23 -6.89 28.92
N ALA A 162 -47.47 -7.38 29.14
CA ALA A 162 -47.99 -7.60 30.49
C ALA A 162 -47.17 -8.65 31.23
N LEU A 163 -46.78 -9.72 30.54
CA LEU A 163 -46.05 -10.83 31.15
C LEU A 163 -44.57 -10.65 30.84
N THR A 164 -43.80 -10.27 31.85
CA THR A 164 -42.35 -10.19 31.74
C THR A 164 -41.63 -11.16 32.66
N SER A 165 -42.17 -11.43 33.83
CA SER A 165 -41.51 -12.26 34.81
C SER A 165 -41.60 -13.73 34.39
N GLY A 166 -40.44 -14.36 34.17
CA GLY A 166 -40.41 -15.76 33.78
C GLY A 166 -40.32 -16.02 32.29
N VAL A 167 -39.91 -15.03 31.50
CA VAL A 167 -39.87 -15.14 30.04
C VAL A 167 -38.46 -15.43 29.60
N HIS A 168 -38.31 -16.31 28.61
CA HIS A 168 -37.02 -16.59 28.01
C HIS A 168 -37.17 -16.68 26.50
N THR A 169 -36.55 -15.76 25.78
CA THR A 169 -36.52 -15.81 24.32
C THR A 169 -35.14 -16.26 23.85
N PHE A 170 -35.08 -17.42 23.24
CA PHE A 170 -33.78 -17.99 22.92
C PHE A 170 -33.20 -17.30 21.70
N PRO A 171 -31.88 -17.12 21.65
CA PRO A 171 -31.24 -16.59 20.43
C PRO A 171 -31.66 -17.40 19.21
N ALA A 172 -31.86 -16.71 18.09
CA ALA A 172 -32.20 -17.42 16.86
C ALA A 172 -31.03 -18.30 16.41
N VAL A 173 -31.37 -19.42 15.76
CA VAL A 173 -30.39 -20.30 15.13
C VAL A 173 -30.65 -20.32 13.63
N LEU A 174 -29.60 -20.19 12.84
CA LEU A 174 -29.69 -20.45 11.42
C LEU A 174 -29.96 -21.93 11.23
N GLN A 175 -30.95 -22.26 10.41
CA GLN A 175 -31.18 -23.65 10.06
C GLN A 175 -30.44 -23.99 8.77
N SER A 176 -30.50 -25.27 8.39
CA SER A 176 -29.90 -25.69 7.13
C SER A 176 -30.61 -25.07 5.94
N SER A 177 -31.86 -24.62 6.11
CA SER A 177 -32.59 -23.90 5.06
C SER A 177 -32.03 -22.53 4.75
N GLY A 178 -31.12 -22.01 5.58
CA GLY A 178 -30.68 -20.63 5.49
C GLY A 178 -31.59 -19.63 6.15
N LEU A 179 -32.73 -20.07 6.69
CA LEU A 179 -33.69 -19.25 7.40
C LEU A 179 -33.43 -19.36 8.90
N TYR A 180 -33.83 -18.32 9.63
CA TYR A 180 -33.68 -18.28 11.07
C TYR A 180 -34.88 -18.92 11.75
N SER A 181 -34.66 -19.37 12.98
CA SER A 181 -35.74 -19.90 13.79
C SER A 181 -35.40 -19.69 15.26
N LEU A 182 -36.41 -19.37 16.06
CA LEU A 182 -36.22 -19.25 17.50
C LEU A 182 -37.49 -19.65 18.22
N SER A 183 -37.38 -19.69 19.54
CA SER A 183 -38.50 -20.05 20.39
C SER A 183 -38.55 -19.08 21.57
N SER A 184 -39.75 -18.80 22.06
CA SER A 184 -39.95 -17.98 23.24
C SER A 184 -40.83 -18.74 24.22
N VAL A 185 -40.40 -18.83 25.47
CA VAL A 185 -41.14 -19.59 26.49
C VAL A 185 -41.39 -18.74 27.71
N VAL A 186 -42.35 -19.18 28.49
CA VAL A 186 -42.69 -18.55 29.76
C VAL A 186 -43.24 -19.63 30.67
N THR A 187 -42.82 -19.58 31.93
CA THR A 187 -43.36 -20.46 32.97
C THR A 187 -44.42 -19.69 33.73
N VAL A 188 -45.51 -20.38 34.04
CA VAL A 188 -46.68 -19.78 34.66
C VAL A 188 -47.08 -20.66 35.85
N PRO A 189 -47.89 -20.12 36.76
CA PRO A 189 -48.57 -21.00 37.73
C PRO A 189 -49.52 -21.91 36.98
N SER A 190 -49.36 -23.22 37.17
CA SER A 190 -50.16 -24.17 36.42
C SER A 190 -51.66 -23.96 36.65
N SER A 191 -52.04 -23.40 37.80
CA SER A 191 -53.45 -23.15 38.09
C SER A 191 -54.03 -22.06 37.18
N SER A 192 -53.19 -21.13 36.72
CA SER A 192 -53.62 -20.03 35.87
C SER A 192 -54.08 -20.47 34.48
N LEU A 193 -53.78 -21.70 34.08
CA LEU A 193 -54.20 -22.18 32.77
C LEU A 193 -55.72 -22.30 32.73
N GLY A 194 -56.34 -21.66 31.74
CA GLY A 194 -57.79 -21.57 31.65
C GLY A 194 -58.39 -20.33 32.33
N THR A 195 -57.88 -19.98 33.52
CA THR A 195 -58.25 -18.72 34.18
C THR A 195 -57.61 -17.51 33.50
N GLN A 196 -56.48 -17.70 32.84
CA GLN A 196 -55.75 -16.61 32.19
C GLN A 196 -55.52 -16.97 30.72
N THR A 197 -55.63 -15.96 29.84
CA THR A 197 -55.40 -16.15 28.41
C THR A 197 -54.01 -15.66 28.03
N TYR A 198 -53.25 -16.50 27.32
CA TYR A 198 -51.84 -16.24 27.03
C TYR A 198 -51.66 -16.07 25.52
N ILE A 199 -51.29 -14.86 25.11
CA ILE A 199 -51.03 -14.53 23.71
C ILE A 199 -49.58 -14.06 23.59
N CYS A 200 -48.89 -14.52 22.56
CA CYS A 200 -47.55 -14.02 22.22
C CYS A 200 -47.59 -13.17 20.96
N ASN A 201 -46.87 -12.05 21.04
CA ASN A 201 -46.86 -11.00 20.03
C ASN A 201 -45.49 -11.01 19.37
N VAL A 202 -45.47 -11.38 18.10
CA VAL A 202 -44.25 -11.60 17.32
C VAL A 202 -44.16 -10.48 16.28
N ASN A 203 -43.08 -9.71 16.31
CA ASN A 203 -42.84 -8.66 15.31
C ASN A 203 -41.60 -8.97 14.48
N HIS A 204 -41.74 -8.84 13.16
CA HIS A 204 -40.64 -8.92 12.22
C HIS A 204 -40.76 -7.66 11.36
N LYS A 205 -40.22 -6.57 11.88
CA LYS A 205 -40.12 -5.31 11.15
C LYS A 205 -39.49 -5.46 9.77
N PRO A 206 -38.47 -6.29 9.55
CA PRO A 206 -37.88 -6.39 8.20
C PRO A 206 -38.83 -6.87 7.13
N SER A 207 -39.96 -7.47 7.49
CA SER A 207 -40.95 -7.84 6.50
C SER A 207 -42.30 -7.22 6.81
N ASN A 208 -42.34 -6.24 7.72
CA ASN A 208 -43.57 -5.56 8.07
C ASN A 208 -44.65 -6.57 8.51
N THR A 209 -44.22 -7.63 9.19
CA THR A 209 -45.20 -8.60 9.64
C THR A 209 -45.30 -8.60 11.16
N LYS A 210 -46.46 -9.02 11.63
CA LYS A 210 -46.73 -9.04 13.06
C LYS A 210 -47.86 -10.04 13.31
N VAL A 211 -47.68 -10.89 14.33
CA VAL A 211 -48.57 -12.01 14.62
C VAL A 211 -48.92 -12.01 16.09
N ASP A 212 -50.16 -12.39 16.42
CA ASP A 212 -50.63 -12.52 17.81
C ASP A 212 -51.20 -13.91 17.96
N LYS A 213 -50.37 -14.89 18.27
CA LYS A 213 -50.86 -16.24 18.44
C LYS A 213 -51.24 -16.45 19.89
N ARG A 214 -52.47 -16.92 20.12
CA ARG A 214 -52.86 -17.34 21.44
C ARG A 214 -52.48 -18.81 21.59
N VAL A 215 -51.80 -19.12 22.68
CA VAL A 215 -51.38 -20.48 22.98
C VAL A 215 -52.28 -21.00 24.08
N GLU A 216 -52.97 -22.09 23.81
CA GLU A 216 -53.99 -22.61 24.71
C GLU A 216 -53.71 -24.08 25.00
N PRO A 217 -54.07 -24.57 26.18
CA PRO A 217 -53.73 -25.94 26.53
C PRO A 217 -54.43 -26.94 25.62
N LYS A 218 -53.79 -28.09 25.47
CA LYS A 218 -54.38 -29.21 24.73
C LYS A 218 -53.72 -30.49 25.20
N GLU B 1 -1.12 -2.19 12.86
CA GLU B 1 -1.82 -1.44 13.90
C GLU B 1 -1.69 -2.13 15.24
N ILE B 2 -1.91 -1.40 16.32
CA ILE B 2 -1.72 -1.96 17.65
C ILE B 2 -2.78 -3.03 17.87
N VAL B 3 -2.34 -4.27 18.16
CA VAL B 3 -3.25 -5.35 18.47
C VAL B 3 -3.36 -5.44 20.00
N LEU B 4 -4.58 -5.58 20.51
CA LEU B 4 -4.81 -5.86 21.91
C LEU B 4 -5.20 -7.32 22.09
N THR B 5 -4.51 -8.01 23.00
CA THR B 5 -4.77 -9.40 23.30
C THR B 5 -5.25 -9.51 24.73
N GLN B 6 -6.50 -9.93 24.90
CA GLN B 6 -7.08 -10.01 26.21
C GLN B 6 -6.92 -11.42 26.78
N SER B 7 -6.87 -11.52 28.11
CA SER B 7 -6.65 -12.83 28.75
C SER B 7 -7.28 -12.85 30.13
N PRO B 8 -7.89 -13.98 30.52
CA PRO B 8 -8.07 -15.13 29.64
C PRO B 8 -9.26 -14.89 28.71
N GLY B 9 -9.72 -15.92 28.01
CA GLY B 9 -10.85 -15.71 27.13
C GLY B 9 -12.16 -15.66 27.88
N THR B 10 -12.21 -16.29 29.05
CA THR B 10 -13.41 -16.38 29.87
C THR B 10 -12.93 -16.38 31.31
N LEU B 11 -13.76 -15.82 32.19
CA LEU B 11 -13.59 -16.01 33.62
C LEU B 11 -14.87 -16.61 34.17
N SER B 12 -14.77 -17.22 35.34
CA SER B 12 -15.91 -17.85 36.00
C SER B 12 -15.62 -17.82 37.49
N LEU B 13 -16.33 -16.95 38.23
CA LEU B 13 -16.02 -16.69 39.62
C LEU B 13 -17.30 -16.50 40.43
N SER B 14 -17.22 -16.83 41.73
CA SER B 14 -18.33 -16.74 42.67
C SER B 14 -18.55 -15.29 43.09
N PRO B 15 -19.80 -14.93 43.42
CA PRO B 15 -20.04 -13.61 44.01
C PRO B 15 -19.10 -13.36 45.18
N GLY B 16 -18.65 -12.11 45.31
CA GLY B 16 -17.71 -11.71 46.34
C GLY B 16 -16.26 -11.84 45.94
N GLU B 17 -15.95 -12.72 44.99
CA GLU B 17 -14.58 -12.86 44.51
C GLU B 17 -14.15 -11.63 43.70
N ARG B 18 -12.87 -11.63 43.31
CA ARG B 18 -12.24 -10.58 42.52
C ARG B 18 -11.82 -11.13 41.16
N ALA B 19 -12.30 -10.51 40.09
CA ALA B 19 -11.90 -10.90 38.74
C ALA B 19 -10.71 -10.07 38.28
N THR B 20 -9.77 -10.73 37.60
CA THR B 20 -8.57 -10.08 37.09
C THR B 20 -8.49 -10.31 35.58
N LEU B 21 -8.63 -9.23 34.80
CA LEU B 21 -8.63 -9.25 33.34
C LEU B 21 -7.38 -8.55 32.83
N SER B 22 -6.70 -9.16 31.86
CA SER B 22 -5.46 -8.64 31.29
C SER B 22 -5.65 -8.20 29.85
N CYS B 23 -4.92 -7.16 29.49
CA CYS B 23 -4.87 -6.65 28.13
C CYS B 23 -3.40 -6.39 27.79
N ARG B 24 -2.94 -6.98 26.69
CA ARG B 24 -1.56 -6.90 26.25
C ARG B 24 -1.54 -6.19 24.91
N ALA B 25 -0.79 -5.09 24.84
CA ALA B 25 -0.63 -4.38 23.57
C ALA B 25 0.56 -4.93 22.80
N SER B 26 0.43 -4.96 21.48
CA SER B 26 1.49 -5.42 20.57
C SER B 26 2.69 -4.50 20.56
N GLN B 27 2.62 -3.38 21.29
CA GLN B 27 3.60 -2.31 21.31
C GLN B 27 3.31 -1.52 22.58
N SER B 28 4.35 -0.98 23.22
CA SER B 28 4.18 -0.39 24.55
C SER B 28 3.67 1.05 24.43
N ILE B 29 2.38 1.27 24.70
CA ILE B 29 1.74 2.54 24.34
C ILE B 29 1.61 3.54 25.50
N GLY B 30 1.66 3.08 26.74
CA GLY B 30 1.52 4.08 27.78
C GLY B 30 0.09 4.25 28.25
N SER B 31 -0.05 4.62 29.53
CA SER B 31 -1.35 4.50 30.18
C SER B 31 -2.39 5.49 29.67
N SER B 32 -1.98 6.61 29.06
CA SER B 32 -2.97 7.61 28.66
C SER B 32 -3.95 7.06 27.61
N TYR B 33 -3.54 6.07 26.82
CA TYR B 33 -4.28 5.75 25.61
C TYR B 33 -5.21 4.56 25.75
N LEU B 34 -5.44 4.06 26.96
CA LEU B 34 -6.18 2.81 27.11
C LEU B 34 -7.47 3.01 27.90
N ALA B 35 -8.49 2.19 27.58
CA ALA B 35 -9.80 2.29 28.19
C ALA B 35 -10.42 0.89 28.30
N TRP B 36 -11.39 0.74 29.20
CA TRP B 36 -12.10 -0.50 29.46
C TRP B 36 -13.59 -0.25 29.42
N TYR B 37 -14.33 -1.20 28.81
CA TYR B 37 -15.77 -1.17 28.58
C TYR B 37 -16.41 -2.48 29.04
N GLN B 38 -17.71 -2.40 29.34
CA GLN B 38 -18.51 -3.54 29.74
C GLN B 38 -19.73 -3.61 28.84
N GLN B 39 -19.99 -4.78 28.29
CA GLN B 39 -21.13 -4.99 27.40
C GLN B 39 -21.98 -6.14 27.95
N LYS B 40 -23.16 -5.80 28.46
CA LYS B 40 -24.18 -6.71 28.93
C LYS B 40 -25.04 -7.16 27.76
N PRO B 41 -25.67 -8.33 27.84
CA PRO B 41 -26.38 -8.87 26.68
C PRO B 41 -27.50 -7.95 26.20
N GLY B 42 -27.48 -7.65 24.89
CA GLY B 42 -28.46 -6.79 24.27
C GLY B 42 -28.28 -5.31 24.49
N LEU B 43 -27.12 -4.87 24.98
CA LEU B 43 -26.88 -3.46 25.25
C LEU B 43 -25.63 -3.00 24.51
N ALA B 44 -25.59 -1.71 24.21
CA ALA B 44 -24.35 -1.13 23.73
C ALA B 44 -23.34 -1.14 24.87
N PRO B 45 -22.04 -1.07 24.54
CA PRO B 45 -21.03 -1.05 25.59
C PRO B 45 -21.15 0.20 26.45
N ARG B 46 -20.63 0.10 27.66
CA ARG B 46 -20.68 1.13 28.68
C ARG B 46 -19.25 1.39 29.14
N LEU B 47 -18.83 2.66 29.10
CA LEU B 47 -17.46 2.96 29.50
C LEU B 47 -17.26 2.76 31.00
N LEU B 48 -16.13 2.14 31.35
CA LEU B 48 -15.76 1.93 32.74
C LEU B 48 -14.59 2.82 33.14
N ILE B 49 -13.49 2.70 32.41
CA ILE B 49 -12.25 3.35 32.79
C ILE B 49 -11.60 3.88 31.53
N TYR B 50 -10.97 5.06 31.63
CA TYR B 50 -10.16 5.58 30.54
C TYR B 50 -8.83 6.01 31.14
N GLY B 51 -7.85 6.27 30.25
CA GLY B 51 -6.49 6.52 30.68
C GLY B 51 -5.99 5.51 31.70
N ALA B 52 -6.21 4.23 31.40
CA ALA B 52 -5.79 3.07 32.18
C ALA B 52 -6.41 3.03 33.58
N SER B 53 -6.45 4.15 34.29
CA SER B 53 -6.92 4.12 35.68
C SER B 53 -8.07 5.06 36.01
N ARG B 54 -8.40 6.06 35.18
CA ARG B 54 -9.42 7.04 35.58
C ARG B 54 -10.79 6.42 35.40
N ARG B 55 -11.46 6.16 36.52
CA ARG B 55 -12.81 5.67 36.53
C ARG B 55 -13.74 6.73 35.96
N ALA B 56 -14.72 6.30 35.15
CA ALA B 56 -15.69 7.22 34.57
C ALA B 56 -16.79 7.54 35.57
N THR B 57 -17.65 8.49 35.19
CA THR B 57 -18.69 8.97 36.11
C THR B 57 -19.79 7.94 36.29
N GLY B 58 -20.18 7.71 37.55
CA GLY B 58 -21.17 6.71 37.88
C GLY B 58 -20.64 5.31 38.00
N ILE B 59 -19.33 5.12 37.84
CA ILE B 59 -18.72 3.79 37.88
C ILE B 59 -18.23 3.53 39.30
N PRO B 60 -18.74 2.50 39.97
CA PRO B 60 -18.40 2.31 41.38
C PRO B 60 -16.96 1.85 41.56
N ASP B 61 -16.52 1.91 42.82
CA ASP B 61 -15.14 1.63 43.20
C ASP B 61 -14.68 0.21 42.86
N LYS B 62 -15.60 -0.75 42.72
CA LYS B 62 -15.20 -2.15 42.50
C LYS B 62 -14.41 -2.34 41.21
N PHE B 63 -14.61 -1.47 40.21
CA PHE B 63 -13.88 -1.51 38.95
C PHE B 63 -12.61 -0.70 39.09
N SER B 64 -11.47 -1.33 38.82
CA SER B 64 -10.17 -0.74 39.08
C SER B 64 -9.24 -1.03 37.93
N GLY B 65 -8.68 -0.01 37.31
CA GLY B 65 -7.78 -0.17 36.18
C GLY B 65 -6.36 0.16 36.56
N SER B 66 -5.40 -0.55 35.98
CA SER B 66 -4.02 -0.39 36.38
C SER B 66 -3.13 -0.91 35.27
N GLY B 67 -1.82 -0.76 35.46
CA GLY B 67 -0.85 -1.17 34.48
C GLY B 67 -0.29 0.01 33.71
N SER B 68 0.73 -0.30 32.91
CA SER B 68 1.38 0.70 32.06
C SER B 68 2.11 -0.03 30.94
N GLY B 69 2.80 0.75 30.11
CA GLY B 69 3.54 0.17 29.00
C GLY B 69 2.70 -0.60 28.02
N ALA B 70 2.88 -1.92 28.00
CA ALA B 70 2.10 -2.80 27.15
C ALA B 70 1.14 -3.68 27.92
N ASP B 71 1.04 -3.52 29.26
CA ASP B 71 0.24 -4.44 30.05
C ASP B 71 -0.68 -3.72 31.01
N PHE B 72 -1.97 -4.06 30.93
CA PHE B 72 -3.03 -3.38 31.66
C PHE B 72 -3.98 -4.40 32.25
N THR B 73 -4.61 -3.98 33.35
CA THR B 73 -5.40 -4.88 34.18
C THR B 73 -6.68 -4.19 34.60
N LEU B 74 -7.78 -4.90 34.42
CA LEU B 74 -9.06 -4.52 34.99
C LEU B 74 -9.35 -5.48 36.14
N THR B 75 -9.58 -4.93 37.32
CA THR B 75 -9.92 -5.70 38.49
C THR B 75 -11.34 -5.37 38.86
N ILE B 76 -12.19 -6.38 38.94
CA ILE B 76 -13.55 -6.19 39.41
C ILE B 76 -13.64 -6.85 40.78
N SER B 77 -13.63 -6.05 41.84
CA SER B 77 -13.76 -6.60 43.18
C SER B 77 -15.23 -6.84 43.51
N ARG B 78 -15.44 -7.66 44.53
CA ARG B 78 -16.75 -7.89 45.13
C ARG B 78 -17.83 -8.15 44.07
N LEU B 79 -17.64 -9.24 43.33
CA LEU B 79 -18.49 -9.53 42.18
C LEU B 79 -19.93 -9.79 42.59
N GLU B 80 -20.85 -9.35 41.74
CA GLU B 80 -22.28 -9.61 41.85
C GLU B 80 -22.78 -10.36 40.63
N PRO B 81 -23.93 -11.05 40.74
CA PRO B 81 -24.59 -11.60 39.55
C PRO B 81 -24.78 -10.59 38.42
N GLU B 82 -25.01 -9.32 38.76
CA GLU B 82 -25.21 -8.30 37.73
C GLU B 82 -23.94 -8.01 36.92
N ASP B 83 -22.79 -8.47 37.36
CA ASP B 83 -21.55 -8.15 36.68
C ASP B 83 -21.26 -9.06 35.50
N PHE B 84 -22.13 -10.04 35.22
CA PHE B 84 -21.97 -10.85 34.02
C PHE B 84 -22.00 -9.95 32.78
N ALA B 85 -20.94 -10.00 32.00
CA ALA B 85 -20.82 -9.17 30.80
C ALA B 85 -19.56 -9.58 30.05
N VAL B 86 -19.36 -8.96 28.90
CA VAL B 86 -18.11 -9.07 28.17
C VAL B 86 -17.35 -7.76 28.36
N TYR B 87 -16.11 -7.84 28.80
CA TYR B 87 -15.31 -6.66 29.05
C TYR B 87 -14.27 -6.52 27.95
N TYR B 88 -14.11 -5.29 27.48
CA TYR B 88 -13.28 -4.97 26.34
C TYR B 88 -12.25 -3.93 26.74
N CYS B 89 -11.02 -4.09 26.30
CA CYS B 89 -10.12 -2.97 26.34
C CYS B 89 -10.07 -2.34 24.96
N GLN B 90 -9.64 -1.08 24.94
CA GLN B 90 -9.58 -0.27 23.74
C GLN B 90 -8.35 0.62 23.86
N GLN B 91 -7.66 0.86 22.75
CA GLN B 91 -6.62 1.87 22.69
C GLN B 91 -7.04 2.89 21.65
N TYR B 92 -6.90 4.16 21.98
CA TYR B 92 -7.21 5.24 21.04
C TYR B 92 -5.96 6.05 20.73
N GLY B 93 -4.79 5.43 20.85
CA GLY B 93 -3.57 6.08 20.40
C GLY B 93 -3.52 6.29 18.91
N SER B 94 -4.32 5.55 18.15
CA SER B 94 -4.37 5.71 16.71
C SER B 94 -5.81 6.06 16.31
N SER B 95 -5.95 6.54 15.08
CA SER B 95 -7.24 6.97 14.55
C SER B 95 -7.65 6.16 13.33
N PRO B 96 -8.63 5.25 13.41
CA PRO B 96 -9.34 4.93 14.65
C PRO B 96 -8.49 4.01 15.52
N GLY B 97 -8.95 3.75 16.74
CA GLY B 97 -8.28 2.83 17.62
C GLY B 97 -8.73 1.42 17.36
N THR B 98 -8.47 0.55 18.33
CA THR B 98 -8.75 -0.87 18.20
C THR B 98 -9.25 -1.37 19.54
N PHE B 99 -10.03 -2.44 19.51
CA PHE B 99 -10.54 -3.10 20.71
C PHE B 99 -9.86 -4.45 20.83
N GLY B 100 -9.66 -4.89 22.07
CA GLY B 100 -9.31 -6.27 22.29
C GLY B 100 -10.49 -7.15 21.94
N GLN B 101 -10.28 -8.47 21.98
CA GLN B 101 -11.32 -9.35 21.48
C GLN B 101 -12.41 -9.62 22.49
N GLY B 102 -12.25 -9.18 23.74
CA GLY B 102 -13.24 -9.39 24.78
C GLY B 102 -12.96 -10.57 25.71
N THR B 103 -13.21 -10.38 27.00
CA THR B 103 -13.26 -11.46 27.98
C THR B 103 -14.69 -11.55 28.54
N LYS B 104 -15.33 -12.71 28.36
CA LYS B 104 -16.61 -12.95 29.01
C LYS B 104 -16.37 -13.34 30.46
N VAL B 105 -17.09 -12.68 31.39
CA VAL B 105 -16.99 -13.01 32.80
C VAL B 105 -18.32 -13.62 33.21
N GLU B 106 -18.34 -14.96 33.39
CA GLU B 106 -19.50 -15.65 33.95
C GLU B 106 -19.48 -15.59 35.48
N ILE B 107 -20.65 -15.49 36.09
CA ILE B 107 -20.79 -15.45 37.54
C ILE B 107 -21.22 -16.84 38.01
N LYS B 108 -20.34 -17.48 38.77
CA LYS B 108 -20.57 -18.82 39.29
C LYS B 108 -21.65 -18.80 40.39
N ARG B 109 -22.06 -19.99 40.80
CA ARG B 109 -23.39 -20.18 41.36
C ARG B 109 -23.50 -21.60 41.87
N THR B 110 -24.39 -21.82 42.85
CA THR B 110 -24.60 -23.19 43.30
C THR B 110 -25.24 -23.99 42.17
N VAL B 111 -24.91 -25.30 42.11
CA VAL B 111 -25.42 -26.14 41.04
C VAL B 111 -26.93 -26.29 41.18
N ALA B 112 -27.62 -26.16 40.04
CA ALA B 112 -29.07 -26.08 39.95
C ALA B 112 -29.51 -26.96 38.77
N ALA B 113 -30.36 -27.94 39.03
CA ALA B 113 -30.71 -28.84 37.95
C ALA B 113 -31.80 -28.22 37.09
N PRO B 114 -31.89 -28.59 35.81
CA PRO B 114 -32.89 -27.99 34.93
C PRO B 114 -34.26 -28.60 35.15
N SER B 115 -35.30 -27.82 34.82
CA SER B 115 -36.64 -28.36 34.66
C SER B 115 -36.86 -28.70 33.19
N VAL B 116 -37.26 -29.94 32.93
CA VAL B 116 -37.35 -30.43 31.56
C VAL B 116 -38.82 -30.45 31.14
N PHE B 117 -39.09 -29.85 29.99
CA PHE B 117 -40.42 -29.79 29.38
C PHE B 117 -40.30 -30.26 27.95
N ILE B 118 -41.29 -31.02 27.45
CA ILE B 118 -41.29 -31.39 26.04
C ILE B 118 -42.60 -30.92 25.40
N PHE B 119 -42.50 -30.47 24.15
CA PHE B 119 -43.62 -29.91 23.40
C PHE B 119 -43.74 -30.65 22.08
N PRO B 120 -44.82 -31.40 21.85
CA PRO B 120 -45.05 -32.03 20.52
C PRO B 120 -45.33 -30.98 19.46
N PRO B 121 -45.30 -31.36 18.17
CA PRO B 121 -45.64 -30.40 17.14
C PRO B 121 -47.08 -29.94 17.28
N SER B 122 -47.33 -28.68 16.94
CA SER B 122 -48.69 -28.19 16.81
C SER B 122 -49.36 -28.82 15.58
N ASP B 123 -50.68 -28.86 15.60
CA ASP B 123 -51.40 -29.37 14.42
C ASP B 123 -51.33 -28.37 13.28
N GLU B 124 -51.28 -27.07 13.61
CA GLU B 124 -51.13 -26.04 12.58
C GLU B 124 -49.85 -26.27 11.76
N GLN B 125 -48.70 -26.39 12.43
CA GLN B 125 -47.45 -26.65 11.74
C GLN B 125 -47.51 -27.97 10.96
N LEU B 126 -48.15 -28.99 11.55
CA LEU B 126 -48.24 -30.29 10.91
C LEU B 126 -49.01 -30.22 9.60
N LYS B 127 -50.10 -29.45 9.56
CA LYS B 127 -50.86 -29.27 8.34
C LYS B 127 -50.03 -28.68 7.20
N SER B 128 -48.88 -28.08 7.51
CA SER B 128 -48.00 -27.52 6.50
C SER B 128 -46.85 -28.44 6.12
N GLY B 129 -46.73 -29.62 6.73
CA GLY B 129 -45.77 -30.63 6.30
C GLY B 129 -44.51 -30.77 7.14
N THR B 130 -44.37 -29.99 8.20
CA THR B 130 -43.21 -30.04 9.06
C THR B 130 -43.64 -30.32 10.50
N ALA B 131 -42.80 -31.05 11.22
CA ALA B 131 -42.95 -31.30 12.62
C ALA B 131 -41.71 -30.76 13.32
N SER B 132 -41.92 -29.87 14.29
CA SER B 132 -40.88 -29.48 15.21
C SER B 132 -41.28 -29.98 16.59
N VAL B 133 -40.45 -30.84 17.16
CA VAL B 133 -40.58 -31.24 18.56
C VAL B 133 -39.57 -30.41 19.34
N VAL B 134 -40.03 -29.77 20.41
CA VAL B 134 -39.15 -28.90 21.19
C VAL B 134 -38.98 -29.46 22.59
N CYS B 135 -37.75 -29.47 23.07
CA CYS B 135 -37.42 -29.85 24.43
C CYS B 135 -36.78 -28.64 25.10
N LEU B 136 -37.21 -28.36 26.32
CA LEU B 136 -36.82 -27.16 27.04
C LEU B 136 -36.18 -27.55 28.36
N LEU B 137 -35.06 -26.91 28.68
CA LEU B 137 -34.30 -27.10 29.91
C LEU B 137 -34.24 -25.73 30.57
N ASN B 138 -34.91 -25.59 31.69
CA ASN B 138 -35.14 -24.28 32.26
C ASN B 138 -34.39 -24.09 33.56
N ASN B 139 -33.62 -22.99 33.64
CA ASN B 139 -33.04 -22.47 34.87
C ASN B 139 -32.13 -23.49 35.53
N PHE B 140 -30.94 -23.67 34.96
CA PHE B 140 -29.99 -24.63 35.49
C PHE B 140 -28.62 -23.95 35.56
N TYR B 141 -27.71 -24.60 36.28
CA TYR B 141 -26.32 -24.19 36.35
C TYR B 141 -25.54 -25.41 36.77
N PRO B 142 -24.39 -25.72 36.14
CA PRO B 142 -23.65 -24.94 35.14
C PRO B 142 -24.24 -25.08 33.74
N ARG B 143 -23.58 -24.51 32.73
CA ARG B 143 -24.12 -24.48 31.38
C ARG B 143 -24.12 -25.84 30.69
N GLU B 144 -23.24 -26.75 31.09
CA GLU B 144 -23.03 -28.00 30.37
C GLU B 144 -24.17 -28.97 30.62
N ALA B 145 -24.73 -29.51 29.53
CA ALA B 145 -25.95 -30.29 29.56
C ALA B 145 -26.00 -31.11 28.27
N LYS B 146 -26.05 -32.43 28.38
CA LYS B 146 -26.26 -33.26 27.21
C LYS B 146 -27.76 -33.49 27.02
N VAL B 147 -28.27 -33.25 25.80
CA VAL B 147 -29.69 -33.43 25.48
C VAL B 147 -29.74 -34.42 24.35
N GLN B 148 -30.33 -35.60 24.58
CA GLN B 148 -30.37 -36.64 23.57
C GLN B 148 -31.81 -36.90 23.12
N TRP B 149 -32.04 -36.82 21.82
CA TRP B 149 -33.32 -37.19 21.27
C TRP B 149 -33.40 -38.70 21.08
N LYS B 150 -34.55 -39.26 21.38
CA LYS B 150 -34.79 -40.69 21.18
C LYS B 150 -36.16 -40.83 20.51
N VAL B 151 -36.19 -41.48 19.35
CA VAL B 151 -37.43 -41.71 18.62
C VAL B 151 -37.63 -43.22 18.51
N ASP B 152 -38.75 -43.72 19.03
CA ASP B 152 -38.96 -45.14 19.26
C ASP B 152 -37.70 -45.77 19.84
N ASN B 153 -37.10 -45.09 20.82
CA ASN B 153 -35.94 -45.52 21.59
C ASN B 153 -34.62 -45.54 20.78
N ALA B 154 -34.63 -45.10 19.52
CA ALA B 154 -33.40 -44.98 18.75
C ALA B 154 -32.82 -43.57 18.94
N LEU B 155 -31.51 -43.51 19.21
CA LEU B 155 -30.84 -42.23 19.45
C LEU B 155 -30.76 -41.43 18.16
N GLN B 156 -31.32 -40.23 18.16
CA GLN B 156 -31.43 -39.41 16.97
C GLN B 156 -30.30 -38.39 16.91
N SER B 157 -29.64 -38.34 15.76
CA SER B 157 -28.45 -37.54 15.57
C SER B 157 -28.55 -36.83 14.22
N GLY B 158 -28.15 -35.56 14.18
CA GLY B 158 -28.09 -34.80 12.94
C GLY B 158 -29.35 -34.06 12.52
N ASN B 159 -30.43 -34.11 13.28
CA ASN B 159 -31.61 -33.34 12.90
C ASN B 159 -32.14 -32.50 14.06
N SER B 160 -31.26 -32.00 14.92
CA SER B 160 -31.69 -31.13 16.00
C SER B 160 -30.73 -29.95 16.12
N GLN B 161 -31.26 -28.86 16.64
CA GLN B 161 -30.45 -27.68 16.90
C GLN B 161 -30.69 -27.21 18.33
N GLU B 162 -29.66 -26.65 18.94
CA GLU B 162 -29.74 -26.19 20.32
C GLU B 162 -29.44 -24.71 20.40
N SER B 163 -30.11 -24.05 21.33
CA SER B 163 -29.92 -22.64 21.62
C SER B 163 -29.96 -22.45 23.12
N VAL B 164 -28.98 -21.76 23.68
CA VAL B 164 -28.93 -21.49 25.11
C VAL B 164 -28.99 -19.99 25.34
N THR B 165 -29.74 -19.57 26.36
CA THR B 165 -29.77 -18.15 26.68
C THR B 165 -28.44 -17.69 27.28
N GLU B 166 -28.23 -16.38 27.26
CA GLU B 166 -27.14 -15.79 28.01
C GLU B 166 -27.40 -15.92 29.51
N GLN B 167 -26.32 -16.03 30.29
CA GLN B 167 -26.48 -16.17 31.74
C GLN B 167 -27.35 -15.07 32.29
N ASP B 168 -28.38 -15.47 33.02
CA ASP B 168 -29.23 -14.53 33.74
C ASP B 168 -28.39 -13.63 34.63
N SER B 169 -28.70 -12.34 34.60
CA SER B 169 -27.99 -11.39 35.46
C SER B 169 -28.60 -11.31 36.84
N LYS B 170 -29.78 -11.88 37.06
CA LYS B 170 -30.46 -11.81 38.35
C LYS B 170 -30.17 -13.04 39.21
N ASP B 171 -30.21 -14.25 38.62
CA ASP B 171 -30.00 -15.48 39.39
C ASP B 171 -28.96 -16.42 38.78
N SER B 172 -28.22 -15.98 37.76
CA SER B 172 -27.04 -16.65 37.23
C SER B 172 -27.33 -18.00 36.56
N THR B 173 -28.59 -18.31 36.24
CA THR B 173 -28.88 -19.58 35.59
C THR B 173 -28.89 -19.45 34.05
N TYR B 174 -29.01 -20.59 33.40
CA TYR B 174 -29.12 -20.70 31.96
C TYR B 174 -30.42 -21.40 31.59
N SER B 175 -30.81 -21.25 30.33
CA SER B 175 -31.89 -22.06 29.79
C SER B 175 -31.55 -22.45 28.35
N LEU B 176 -32.14 -23.54 27.92
CA LEU B 176 -31.70 -24.21 26.71
C LEU B 176 -32.91 -24.82 26.02
N SER B 177 -32.99 -24.64 24.71
CA SER B 177 -33.93 -25.41 23.90
C SER B 177 -33.17 -26.30 22.94
N SER B 178 -33.80 -27.44 22.64
CA SER B 178 -33.38 -28.37 21.60
C SER B 178 -34.58 -28.61 20.71
N THR B 179 -34.40 -28.44 19.41
CA THR B 179 -35.50 -28.59 18.47
C THR B 179 -35.13 -29.70 17.48
N LEU B 180 -35.88 -30.79 17.55
CA LEU B 180 -35.85 -31.85 16.58
C LEU B 180 -36.81 -31.51 15.45
N THR B 181 -36.35 -31.56 14.21
CA THR B 181 -37.20 -31.20 13.08
C THR B 181 -37.29 -32.35 12.09
N LEU B 182 -38.53 -32.70 11.71
CA LEU B 182 -38.82 -33.82 10.83
C LEU B 182 -39.85 -33.39 9.80
N SER B 183 -39.87 -34.09 8.67
CA SER B 183 -41.03 -33.95 7.78
C SER B 183 -42.25 -34.58 8.45
N LYS B 184 -43.44 -34.11 8.06
CA LYS B 184 -44.65 -34.68 8.64
C LYS B 184 -44.69 -36.20 8.44
N ALA B 185 -44.22 -36.69 7.28
CA ALA B 185 -44.19 -38.13 7.02
C ALA B 185 -43.26 -38.86 7.99
N ASP B 186 -42.02 -38.39 8.12
CA ASP B 186 -41.12 -38.94 9.13
C ASP B 186 -41.79 -38.97 10.49
N TYR B 187 -42.50 -37.90 10.83
CA TYR B 187 -43.14 -37.81 12.14
C TYR B 187 -44.24 -38.86 12.30
N GLU B 188 -45.00 -39.14 11.24
CA GLU B 188 -46.00 -40.21 11.30
C GLU B 188 -45.36 -41.57 11.52
N LYS B 189 -44.15 -41.79 10.98
CA LYS B 189 -43.55 -43.12 10.99
C LYS B 189 -43.22 -43.67 12.38
N HIS B 190 -43.32 -42.87 13.45
CA HIS B 190 -42.82 -43.28 14.76
C HIS B 190 -43.80 -42.90 15.87
N LYS B 191 -43.71 -43.58 17.01
CA LYS B 191 -44.64 -43.37 18.12
C LYS B 191 -44.04 -42.53 19.25
N VAL B 192 -43.02 -43.04 19.95
CA VAL B 192 -42.56 -42.45 21.19
C VAL B 192 -41.45 -41.44 20.91
N TYR B 193 -41.68 -40.18 21.29
CA TYR B 193 -40.68 -39.13 21.16
C TYR B 193 -40.23 -38.74 22.56
N ALA B 194 -38.92 -38.85 22.83
CA ALA B 194 -38.36 -38.52 24.13
C ALA B 194 -37.14 -37.62 23.99
N CYS B 195 -36.94 -36.74 24.98
CA CYS B 195 -35.65 -36.09 25.18
C CYS B 195 -35.12 -36.45 26.58
N GLU B 196 -33.87 -36.90 26.61
CA GLU B 196 -33.19 -37.35 27.81
C GLU B 196 -32.08 -36.35 28.14
N VAL B 197 -32.12 -35.81 29.35
CA VAL B 197 -31.28 -34.70 29.76
C VAL B 197 -30.31 -35.21 30.81
N THR B 198 -29.03 -34.90 30.62
CA THR B 198 -27.95 -35.31 31.50
C THR B 198 -27.26 -34.05 31.98
N HIS B 199 -27.24 -33.85 33.29
CA HIS B 199 -26.75 -32.62 33.89
C HIS B 199 -26.26 -32.91 35.29
N GLN B 200 -25.23 -32.17 35.70
CA GLN B 200 -24.59 -32.41 36.98
C GLN B 200 -25.57 -32.39 38.13
N GLY B 201 -26.51 -31.45 38.12
CA GLY B 201 -27.49 -31.36 39.19
C GLY B 201 -28.53 -32.46 39.20
N LEU B 202 -28.45 -33.42 38.28
CA LEU B 202 -29.39 -34.53 38.19
C LEU B 202 -28.66 -35.80 38.59
N SER B 203 -29.21 -36.51 39.57
CA SER B 203 -28.60 -37.76 40.03
C SER B 203 -28.46 -38.76 38.90
N SER B 204 -29.46 -38.84 38.02
CA SER B 204 -29.44 -39.69 36.83
C SER B 204 -30.20 -38.98 35.72
N PRO B 205 -30.03 -39.41 34.48
CA PRO B 205 -30.65 -38.68 33.35
C PRO B 205 -32.17 -38.67 33.43
N VAL B 206 -32.74 -37.50 33.22
CA VAL B 206 -34.20 -37.34 33.25
C VAL B 206 -34.73 -37.46 31.83
N THR B 207 -35.79 -38.25 31.65
CA THR B 207 -36.40 -38.40 30.33
C THR B 207 -37.80 -37.84 30.37
N LYS B 208 -38.11 -36.97 29.43
CA LYS B 208 -39.47 -36.52 29.23
C LYS B 208 -39.90 -36.96 27.84
N SER B 209 -41.09 -37.54 27.74
CA SER B 209 -41.50 -38.24 26.53
C SER B 209 -42.99 -38.03 26.27
N PHE B 210 -43.42 -38.41 25.08
CA PHE B 210 -44.83 -38.43 24.74
C PHE B 210 -45.07 -39.38 23.57
N ASN B 211 -46.25 -40.00 23.55
CA ASN B 211 -46.65 -40.83 22.44
C ASN B 211 -47.41 -39.98 21.45
N ARG B 212 -47.13 -40.17 20.16
CA ARG B 212 -47.87 -39.44 19.15
C ARG B 212 -49.35 -39.79 19.19
N GLY B 213 -50.11 -39.19 20.13
CA GLY B 213 -51.53 -39.44 20.33
C GLY B 213 -51.92 -39.68 21.78
N ASN C 1 29.54 36.04 10.11
CA ASN C 1 28.16 36.40 10.41
C ASN C 1 27.17 35.23 10.25
N LEU C 2 27.46 34.09 10.88
CA LEU C 2 26.71 32.85 10.61
C LEU C 2 25.28 32.93 11.16
N CYS C 3 24.39 32.04 10.61
CA CYS C 3 22.99 31.98 11.05
C CYS C 3 22.88 31.16 12.33
N PRO C 4 22.02 31.56 13.27
CA PRO C 4 21.93 30.88 14.57
C PRO C 4 21.05 29.63 14.51
N PHE C 5 21.49 28.64 13.75
CA PHE C 5 20.76 27.38 13.69
C PHE C 5 20.91 26.60 14.98
N GLY C 6 22.09 26.62 15.58
CA GLY C 6 22.34 25.78 16.74
C GLY C 6 21.52 26.20 17.93
N GLU C 7 21.22 27.49 18.03
CA GLU C 7 20.31 27.99 19.04
C GLU C 7 18.98 27.25 18.98
N VAL C 8 18.49 26.95 17.77
CA VAL C 8 17.23 26.26 17.61
C VAL C 8 17.41 24.76 17.80
N PHE C 9 18.33 24.18 17.04
CA PHE C 9 18.49 22.72 17.01
C PHE C 9 18.99 22.17 18.33
N ASN C 10 19.91 22.89 18.97
CA ASN C 10 20.59 22.39 20.14
C ASN C 10 20.02 22.99 21.44
N ALA C 11 18.78 23.47 21.41
CA ALA C 11 18.14 23.99 22.62
C ALA C 11 18.04 22.92 23.71
N THR C 12 18.19 23.31 24.97
CA THR C 12 17.99 22.36 26.07
C THR C 12 16.55 21.89 26.13
N ARG C 13 15.60 22.83 26.14
CA ARG C 13 14.18 22.55 26.21
C ARG C 13 13.53 22.90 24.87
N PHE C 14 12.62 22.06 24.42
CA PHE C 14 11.82 22.36 23.24
C PHE C 14 10.39 22.70 23.65
N ALA C 15 9.70 23.44 22.77
CA ALA C 15 8.36 23.94 23.07
C ALA C 15 7.31 22.85 22.94
N SER C 16 6.15 23.10 23.57
CA SER C 16 4.99 22.26 23.30
C SER C 16 4.45 22.54 21.91
N VAL C 17 3.98 21.49 21.23
CA VAL C 17 3.60 21.62 19.83
C VAL C 17 2.46 22.63 19.66
N TYR C 18 1.50 22.67 20.61
CA TYR C 18 0.43 23.68 20.48
C TYR C 18 0.96 25.11 20.62
N ALA C 19 2.04 25.30 21.37
CA ALA C 19 2.63 26.61 21.55
C ALA C 19 4.03 26.61 20.93
N TRP C 20 4.11 26.15 19.67
CA TRP C 20 5.37 25.91 19.00
C TRP C 20 6.17 27.20 18.88
N ASN C 21 7.50 27.08 18.86
CA ASN C 21 8.38 28.23 18.76
C ASN C 21 8.64 28.56 17.31
N ARG C 22 8.90 29.83 17.03
CA ARG C 22 9.31 30.26 15.70
C ARG C 22 10.51 31.17 15.84
N LYS C 23 11.66 30.74 15.32
CA LYS C 23 12.83 31.60 15.25
C LYS C 23 12.91 32.25 13.88
N ARG C 24 12.89 33.57 13.87
CA ARG C 24 13.06 34.38 12.66
C ARG C 24 14.54 34.59 12.42
N ILE C 25 15.01 34.17 11.25
CA ILE C 25 16.41 34.20 10.88
C ILE C 25 16.57 35.10 9.68
N SER C 26 17.46 36.09 9.82
CA SER C 26 17.68 37.15 8.85
C SER C 26 19.07 37.73 9.06
N ASN C 27 19.56 38.41 8.02
CA ASN C 27 20.88 39.05 8.03
C ASN C 27 21.96 38.07 8.50
N CYS C 28 22.18 37.05 7.69
CA CYS C 28 23.21 36.09 8.02
C CYS C 28 23.51 35.21 6.81
N VAL C 29 24.60 34.45 6.93
CA VAL C 29 24.99 33.45 5.97
C VAL C 29 24.82 32.08 6.61
N ALA C 30 24.18 31.18 5.88
CA ALA C 30 23.68 29.92 6.39
C ALA C 30 24.57 28.78 5.92
N ASP C 31 25.20 28.09 6.86
CA ASP C 31 25.81 26.81 6.54
C ASP C 31 24.77 25.72 6.75
N TYR C 32 24.05 25.39 5.68
CA TYR C 32 23.18 24.24 5.73
C TYR C 32 23.96 22.94 5.81
N SER C 33 25.26 22.96 5.53
CA SER C 33 26.06 21.73 5.54
C SER C 33 26.02 21.03 6.90
N VAL C 34 26.15 21.80 7.99
CA VAL C 34 26.07 21.21 9.33
C VAL C 34 24.76 20.44 9.50
N LEU C 35 23.69 20.88 8.84
CA LEU C 35 22.47 20.11 8.93
C LEU C 35 22.51 18.89 8.02
N TYR C 36 22.92 19.05 6.75
CA TYR C 36 22.53 18.01 5.80
C TYR C 36 23.45 16.78 5.83
N ASN C 37 24.70 16.91 6.22
CA ASN C 37 25.47 15.70 6.50
C ASN C 37 25.72 15.71 8.01
N SER C 38 24.73 15.24 8.76
CA SER C 38 24.75 15.32 10.21
C SER C 38 24.67 13.99 10.94
N ALA C 39 24.06 12.96 10.35
CA ALA C 39 24.03 11.62 10.95
C ALA C 39 23.20 11.47 12.24
N SER C 40 22.75 12.55 12.87
CA SER C 40 21.99 12.42 14.09
C SER C 40 20.49 12.67 13.92
N PHE C 41 19.99 12.79 12.69
CA PHE C 41 18.56 12.94 12.45
C PHE C 41 17.95 11.63 11.98
N SER C 42 16.66 11.43 12.28
CA SER C 42 15.97 10.25 11.78
C SER C 42 15.02 10.55 10.64
N THR C 43 14.53 11.78 10.54
CA THR C 43 13.73 12.26 9.43
C THR C 43 14.30 13.58 8.92
N PHE C 44 14.40 13.71 7.60
CA PHE C 44 14.92 14.94 7.01
C PHE C 44 14.30 15.02 5.62
N LYS C 45 13.13 15.65 5.55
CA LYS C 45 12.28 15.60 4.35
C LYS C 45 12.11 16.99 3.81
N CYS C 46 12.56 17.22 2.58
CA CYS C 46 12.48 18.55 1.98
C CYS C 46 11.51 18.55 0.81
N TYR C 47 10.93 19.72 0.59
CA TYR C 47 9.82 19.92 -0.32
C TYR C 47 10.19 21.14 -1.14
N GLY C 48 10.44 20.92 -2.44
CA GLY C 48 10.63 22.00 -3.38
C GLY C 48 11.98 22.66 -3.34
N VAL C 49 12.86 22.23 -2.44
CA VAL C 49 14.21 22.76 -2.33
C VAL C 49 15.13 21.60 -1.95
N SER C 50 16.34 21.62 -2.50
CA SER C 50 17.33 20.72 -1.95
C SER C 50 18.26 21.48 -1.01
N PRO C 51 18.58 20.88 0.15
CA PRO C 51 19.52 21.52 1.09
C PRO C 51 20.92 21.70 0.55
N THR C 52 21.26 20.94 -0.49
CA THR C 52 22.52 21.09 -1.21
C THR C 52 22.51 22.34 -2.09
N LYS C 53 21.40 22.60 -2.76
CA LYS C 53 21.31 23.63 -3.78
C LYS C 53 20.79 24.95 -3.23
N LEU C 54 21.06 25.26 -1.96
CA LEU C 54 20.60 26.48 -1.33
C LEU C 54 21.66 27.57 -1.29
N ASN C 55 22.95 27.19 -1.36
CA ASN C 55 24.03 28.15 -1.23
C ASN C 55 24.02 29.19 -2.35
N ASP C 56 23.41 28.87 -3.49
CA ASP C 56 23.30 29.82 -4.59
C ASP C 56 22.19 30.84 -4.35
N LEU C 57 21.11 30.45 -3.68
CA LEU C 57 19.94 31.31 -3.53
C LEU C 57 20.08 32.23 -2.33
N CYS C 58 19.19 33.20 -2.27
CA CYS C 58 19.15 34.15 -1.17
C CYS C 58 17.70 34.48 -0.83
N PHE C 59 17.38 34.49 0.46
CA PHE C 59 16.01 34.61 0.91
C PHE C 59 15.83 35.88 1.71
N THR C 60 14.59 36.38 1.72
CA THR C 60 14.26 37.52 2.56
C THR C 60 14.26 37.11 4.04
N ASN C 61 13.69 35.95 4.36
CA ASN C 61 13.69 35.44 5.71
C ASN C 61 13.72 33.92 5.68
N VAL C 62 14.26 33.33 6.75
CA VAL C 62 14.04 31.92 7.04
C VAL C 62 13.37 31.82 8.41
N TYR C 63 12.44 30.88 8.53
CA TYR C 63 11.78 30.61 9.82
C TYR C 63 12.13 29.20 10.24
N ALA C 64 12.43 29.02 11.53
CA ALA C 64 12.72 27.71 12.10
C ALA C 64 11.71 27.46 13.21
N ASP C 65 10.75 26.59 12.96
CA ASP C 65 9.70 26.29 13.91
C ASP C 65 10.12 25.04 14.67
N SER C 66 9.87 25.01 15.98
CA SER C 66 10.34 23.83 16.70
C SER C 66 9.37 23.45 17.81
N PHE C 67 9.29 22.13 18.01
CA PHE C 67 8.35 21.56 18.98
C PHE C 67 8.65 20.09 19.15
N VAL C 68 7.88 19.44 20.03
CA VAL C 68 8.02 18.03 20.38
C VAL C 68 6.67 17.36 20.16
N ILE C 69 6.68 16.23 19.45
CA ILE C 69 5.50 15.42 19.24
C ILE C 69 5.93 13.98 19.46
N ARG C 70 5.01 13.03 19.30
CA ARG C 70 5.44 11.65 19.42
C ARG C 70 5.69 11.05 18.04
N GLY C 71 6.48 9.98 18.01
CA GLY C 71 7.03 9.50 16.74
C GLY C 71 5.97 9.22 15.70
N ASP C 72 4.88 8.60 16.10
CA ASP C 72 3.77 8.30 15.20
C ASP C 72 3.22 9.55 14.52
N GLU C 73 3.41 10.72 15.11
CA GLU C 73 2.85 11.94 14.55
C GLU C 73 3.81 12.67 13.65
N VAL C 74 5.09 12.25 13.59
CA VAL C 74 6.04 12.99 12.76
C VAL C 74 5.60 12.99 11.30
N ARG C 75 4.89 11.95 10.85
CA ARG C 75 4.44 11.94 9.46
C ARG C 75 3.42 13.02 9.16
N GLN C 76 2.80 13.61 10.19
CA GLN C 76 1.82 14.65 9.96
C GLN C 76 2.43 16.01 9.70
N ILE C 77 3.73 16.17 9.95
CA ILE C 77 4.41 17.45 9.67
C ILE C 77 4.86 17.38 8.21
N ALA C 78 3.88 17.59 7.31
CA ALA C 78 4.08 17.45 5.88
C ALA C 78 2.88 18.05 5.16
N PRO C 79 3.06 18.57 3.94
CA PRO C 79 1.92 19.14 3.23
C PRO C 79 0.83 18.10 3.03
N GLY C 80 -0.42 18.56 3.13
CA GLY C 80 -1.54 17.70 2.84
C GLY C 80 -1.89 16.68 3.90
N GLN C 81 -1.38 16.83 5.11
CA GLN C 81 -1.61 15.81 6.12
C GLN C 81 -2.86 16.13 6.96
N THR C 82 -3.34 15.12 7.68
CA THR C 82 -4.43 15.29 8.63
C THR C 82 -4.15 14.46 9.87
N GLY C 83 -4.83 14.81 10.98
CA GLY C 83 -4.56 14.19 12.25
C GLY C 83 -4.59 15.23 13.35
N LYS C 84 -4.43 14.81 14.60
CA LYS C 84 -4.58 15.74 15.71
C LYS C 84 -3.57 16.88 15.63
N ILE C 85 -2.33 16.56 15.20
CA ILE C 85 -1.29 17.58 15.11
C ILE C 85 -1.52 18.50 13.91
N ALA C 86 -1.71 17.92 12.72
CA ALA C 86 -1.84 18.75 11.51
C ALA C 86 -3.08 19.61 11.55
N ASP C 87 -4.14 19.12 12.17
CA ASP C 87 -5.40 19.85 12.22
C ASP C 87 -5.45 20.84 13.37
N TYR C 88 -4.93 20.49 14.55
CA TYR C 88 -5.20 21.30 15.73
C TYR C 88 -3.96 21.92 16.39
N ASN C 89 -2.76 21.62 15.92
CA ASN C 89 -1.58 22.07 16.64
C ASN C 89 -0.58 22.79 15.73
N TYR C 90 -0.19 22.15 14.63
CA TYR C 90 0.77 22.76 13.71
C TYR C 90 0.45 22.29 12.29
N LYS C 91 0.16 23.24 11.40
CA LYS C 91 -0.33 22.95 10.05
C LYS C 91 0.65 23.48 9.02
N LEU C 92 1.19 22.56 8.13
CA LEU C 92 1.97 23.08 7.00
C LEU C 92 1.08 23.39 5.80
N PRO C 93 1.42 24.39 4.99
CA PRO C 93 0.59 24.69 3.83
C PRO C 93 0.71 23.62 2.75
N ASP C 94 -0.26 23.64 1.82
CA ASP C 94 -0.25 22.66 0.73
C ASP C 94 0.96 22.82 -0.18
N ASP C 95 1.41 24.07 -0.40
CA ASP C 95 2.54 24.40 -1.25
C ASP C 95 3.79 24.70 -0.43
N PHE C 96 3.96 23.98 0.68
CA PHE C 96 5.05 24.26 1.60
C PHE C 96 6.40 24.07 0.90
N THR C 97 7.28 25.07 1.03
CA THR C 97 8.64 25.00 0.51
C THR C 97 9.61 25.04 1.68
N GLY C 98 10.32 23.95 1.90
CA GLY C 98 11.26 23.91 3.01
C GLY C 98 11.50 22.49 3.49
N CYS C 99 11.98 22.39 4.73
CA CYS C 99 12.45 21.10 5.24
C CYS C 99 11.85 20.78 6.61
N VAL C 100 11.52 19.50 6.82
CA VAL C 100 11.06 19.00 8.10
C VAL C 100 12.14 18.05 8.61
N ILE C 101 12.81 18.43 9.69
CA ILE C 101 13.87 17.67 10.30
C ILE C 101 13.37 17.19 11.66
N ALA C 102 13.57 15.90 11.94
CA ALA C 102 13.10 15.32 13.20
C ALA C 102 14.08 14.29 13.72
N TRP C 103 14.09 14.14 15.05
CA TRP C 103 14.96 13.14 15.67
C TRP C 103 14.42 12.68 17.02
N ASN C 104 14.65 11.41 17.29
CA ASN C 104 14.24 10.82 18.55
C ASN C 104 14.95 11.51 19.72
N SER C 105 14.19 11.88 20.75
CA SER C 105 14.75 12.54 21.92
C SER C 105 14.25 11.89 23.22
N ASN C 106 14.00 10.58 23.17
CA ASN C 106 13.63 9.81 24.37
C ASN C 106 14.62 10.02 25.51
N ASN C 107 15.91 10.13 25.21
CA ASN C 107 16.89 10.30 26.26
C ASN C 107 16.79 11.66 26.95
N LEU C 108 16.14 12.64 26.35
CA LEU C 108 16.07 13.97 26.93
C LEU C 108 14.69 14.38 27.41
N ASP C 109 13.61 13.84 26.83
CA ASP C 109 12.28 14.42 27.05
C ASP C 109 11.32 13.45 27.73
N SER C 110 11.76 12.26 28.10
CA SER C 110 10.95 11.39 28.94
C SER C 110 11.61 11.23 30.31
N LYS C 111 10.77 11.13 31.35
CA LYS C 111 11.19 10.77 32.69
C LYS C 111 10.58 9.44 33.06
N VAL C 112 11.24 8.71 33.95
CA VAL C 112 10.58 7.59 34.60
C VAL C 112 9.45 8.15 35.47
N GLY C 113 8.29 7.50 35.42
CA GLY C 113 7.09 8.06 35.97
C GLY C 113 6.24 8.81 34.95
N GLY C 114 6.88 9.38 33.92
CA GLY C 114 6.21 10.15 32.88
C GLY C 114 6.65 11.61 32.84
N ASN C 115 6.84 12.18 31.64
CA ASN C 115 7.12 13.61 31.46
C ASN C 115 5.87 14.28 30.91
N TYR C 116 5.15 14.97 31.80
CA TYR C 116 3.90 15.62 31.45
C TYR C 116 4.07 17.12 31.20
N ASN C 117 5.30 17.59 31.00
CA ASN C 117 5.54 18.96 30.58
C ASN C 117 5.25 19.20 29.10
N TYR C 118 4.91 18.17 28.33
CA TYR C 118 4.66 18.34 26.91
C TYR C 118 3.18 18.15 26.62
N LEU C 119 2.58 19.18 26.01
CA LEU C 119 1.14 19.24 25.84
C LEU C 119 0.77 19.35 24.37
N TYR C 120 -0.41 18.87 24.02
CA TYR C 120 -0.96 19.08 22.68
C TYR C 120 -2.42 19.45 22.82
N ARG C 121 -2.94 20.19 21.84
CA ARG C 121 -4.36 20.51 21.84
C ARG C 121 -5.12 19.29 21.34
N LEU C 122 -6.05 18.79 22.16
CA LEU C 122 -6.87 17.67 21.74
C LEU C 122 -8.23 18.10 21.19
N PHE C 123 -8.76 19.23 21.66
CA PHE C 123 -10.10 19.68 21.29
C PHE C 123 -10.02 21.01 20.57
N ARG C 124 -10.67 21.10 19.42
CA ARG C 124 -10.74 22.35 18.67
C ARG C 124 -11.88 22.22 17.68
N LYS C 125 -12.65 23.29 17.48
CA LYS C 125 -13.85 23.21 16.64
C LYS C 125 -13.51 23.07 15.17
N SER C 126 -12.41 23.69 14.71
CA SER C 126 -12.04 23.69 13.30
C SER C 126 -10.53 23.60 13.16
N ASN C 127 -10.08 23.41 11.91
CA ASN C 127 -8.68 23.18 11.61
C ASN C 127 -7.85 24.46 11.58
N LEU C 128 -6.60 24.35 12.02
CA LEU C 128 -5.68 25.46 11.91
C LEU C 128 -5.45 25.85 10.47
N LYS C 129 -5.42 27.15 10.21
CA LYS C 129 -4.83 27.66 8.97
C LYS C 129 -3.33 27.34 8.99
N PRO C 130 -2.66 27.38 7.84
CA PRO C 130 -1.22 27.09 7.85
C PRO C 130 -0.47 28.11 8.71
N PHE C 131 0.45 27.62 9.53
CA PHE C 131 1.25 28.43 10.42
C PHE C 131 0.44 29.20 11.45
N GLU C 132 -0.76 28.72 11.76
CA GLU C 132 -1.51 29.23 12.89
C GLU C 132 -0.97 28.69 14.20
N ARG C 133 -0.87 29.56 15.20
CA ARG C 133 -0.57 29.16 16.56
C ARG C 133 -1.79 29.48 17.41
N ASP C 134 -2.33 28.46 18.08
CA ASP C 134 -3.48 28.63 18.97
C ASP C 134 -3.06 28.29 20.40
N ILE C 135 -2.90 29.32 21.23
CA ILE C 135 -2.53 29.11 22.63
C ILE C 135 -3.71 29.28 23.59
N SER C 136 -4.95 29.33 23.06
CA SER C 136 -6.14 29.42 23.90
C SER C 136 -6.22 28.25 24.88
N THR C 137 -6.64 28.56 26.11
CA THR C 137 -6.95 27.50 27.07
C THR C 137 -8.41 27.51 27.47
N GLU C 138 -9.28 28.18 26.71
CA GLU C 138 -10.71 28.22 27.04
C GLU C 138 -11.30 26.82 27.13
N ILE C 139 -12.14 26.59 28.15
CA ILE C 139 -12.87 25.33 28.27
C ILE C 139 -13.66 25.12 26.98
N TYR C 140 -13.50 23.92 26.41
CA TYR C 140 -14.07 23.60 25.11
C TYR C 140 -15.49 23.07 25.28
N GLN C 141 -16.41 23.64 24.52
CA GLN C 141 -17.83 23.37 24.67
C GLN C 141 -18.28 22.34 23.62
N ALA C 142 -18.47 21.08 24.07
CA ALA C 142 -18.78 19.94 23.22
C ALA C 142 -20.28 19.74 22.97
N GLY C 143 -21.12 20.47 23.68
CA GLY C 143 -22.54 20.46 23.43
C GLY C 143 -23.06 21.87 23.33
N SER C 144 -24.37 22.06 23.53
CA SER C 144 -24.98 23.37 23.36
C SER C 144 -24.98 24.19 24.65
N THR C 145 -24.97 23.54 25.81
CA THR C 145 -24.91 24.27 27.09
C THR C 145 -23.56 24.95 27.23
N PRO C 146 -23.50 26.29 27.30
CA PRO C 146 -22.20 26.96 27.46
C PRO C 146 -21.58 26.64 28.80
N CYS C 147 -20.25 26.76 28.85
CA CYS C 147 -19.46 26.22 29.95
C CYS C 147 -19.17 27.23 31.05
N ASN C 148 -19.25 28.52 30.74
CA ASN C 148 -18.91 29.58 31.70
C ASN C 148 -17.57 29.28 32.38
N GLY C 149 -16.60 28.85 31.56
CA GLY C 149 -15.25 28.59 32.05
C GLY C 149 -15.16 27.58 33.16
N VAL C 150 -16.06 26.59 33.17
CA VAL C 150 -16.10 25.55 34.21
C VAL C 150 -16.07 24.17 33.55
N GLU C 151 -15.23 23.29 34.06
CA GLU C 151 -15.10 21.96 33.48
C GLU C 151 -16.20 21.04 33.97
N GLY C 152 -16.59 20.11 33.12
CA GLY C 152 -17.61 19.15 33.46
C GLY C 152 -18.01 18.35 32.23
N PHE C 153 -19.18 17.73 32.31
CA PHE C 153 -19.66 16.99 31.15
C PHE C 153 -19.89 17.94 29.99
N ASN C 154 -19.34 17.58 28.82
CA ASN C 154 -19.36 18.38 27.59
C ASN C 154 -18.57 19.70 27.71
N CYS C 155 -17.68 19.78 28.70
CA CYS C 155 -16.92 21.00 28.99
C CYS C 155 -15.50 20.58 29.37
N TYR C 156 -14.58 20.66 28.42
CA TYR C 156 -13.30 19.98 28.52
C TYR C 156 -12.16 20.99 28.43
N PHE C 157 -11.16 20.81 29.29
CA PHE C 157 -9.91 21.55 29.09
C PHE C 157 -9.29 21.08 27.78
N PRO C 158 -8.96 21.99 26.85
CA PRO C 158 -8.66 21.55 25.47
C PRO C 158 -7.30 20.86 25.29
N LEU C 159 -6.39 20.98 26.23
CA LEU C 159 -5.05 20.42 26.13
C LEU C 159 -4.95 19.10 26.88
N GLN C 160 -4.16 18.19 26.33
CA GLN C 160 -3.81 16.93 26.96
C GLN C 160 -2.30 16.88 27.06
N SER C 161 -1.83 16.01 27.93
CA SER C 161 -0.40 15.85 28.14
C SER C 161 0.08 14.59 27.43
N TYR C 162 1.38 14.57 27.11
CA TYR C 162 1.92 13.40 26.42
C TYR C 162 2.28 12.29 27.40
N GLY C 163 2.86 12.63 28.55
CA GLY C 163 3.29 11.59 29.46
C GLY C 163 4.30 10.64 28.83
N PHE C 164 5.48 11.16 28.52
CA PHE C 164 6.50 10.40 27.83
C PHE C 164 7.24 9.53 28.86
N GLN C 165 7.24 8.21 28.65
CA GLN C 165 7.99 7.30 29.52
C GLN C 165 9.02 6.56 28.69
N PRO C 166 10.25 6.42 29.19
CA PRO C 166 11.33 5.81 28.39
C PRO C 166 11.06 4.39 27.92
N THR C 167 10.07 3.70 28.47
CA THR C 167 9.74 2.34 28.03
C THR C 167 8.71 2.30 26.91
N ASN C 168 8.15 3.44 26.50
CA ASN C 168 7.17 3.44 25.43
C ASN C 168 7.81 2.96 24.14
N GLY C 169 7.01 2.31 23.29
CA GLY C 169 7.45 1.98 21.95
C GLY C 169 7.85 3.23 21.18
N VAL C 170 8.61 3.01 20.11
CA VAL C 170 9.21 4.14 19.40
C VAL C 170 8.14 5.10 18.90
N GLY C 171 6.96 4.59 18.53
CA GLY C 171 5.93 5.49 18.06
C GLY C 171 5.31 6.34 19.13
N TYR C 172 5.54 6.01 20.40
CA TYR C 172 4.97 6.73 21.54
C TYR C 172 6.05 7.48 22.32
N GLN C 173 7.25 7.60 21.75
CA GLN C 173 8.39 8.32 22.29
C GLN C 173 8.42 9.74 21.78
N PRO C 174 9.07 10.66 22.51
CA PRO C 174 9.16 12.04 22.03
C PRO C 174 10.16 12.20 20.90
N TYR C 175 9.77 12.97 19.89
CA TYR C 175 10.63 13.44 18.81
C TYR C 175 10.69 14.95 18.83
N ARG C 176 11.90 15.50 18.74
CA ARG C 176 12.05 16.93 18.49
C ARG C 176 11.99 17.17 16.99
N VAL C 177 11.42 18.32 16.62
CA VAL C 177 11.08 18.62 15.24
C VAL C 177 11.43 20.07 14.97
N VAL C 178 12.13 20.32 13.87
CA VAL C 178 12.37 21.66 13.35
C VAL C 178 11.85 21.74 11.93
N VAL C 179 11.05 22.77 11.63
CA VAL C 179 10.56 23.03 10.28
C VAL C 179 11.21 24.30 9.77
N LEU C 180 11.91 24.19 8.64
CA LEU C 180 12.54 25.34 7.99
C LEU C 180 11.66 25.81 6.84
N SER C 181 11.18 27.06 6.94
CA SER C 181 10.40 27.72 5.90
C SER C 181 11.27 28.83 5.31
N PHE C 182 11.15 29.01 4.00
CA PHE C 182 11.89 30.04 3.28
C PHE C 182 10.90 31.02 2.69
N GLU C 183 11.18 32.32 2.85
CA GLU C 183 10.29 33.34 2.31
C GLU C 183 11.14 34.37 1.57
N LEU C 184 10.74 34.69 0.33
CA LEU C 184 11.35 35.80 -0.41
C LEU C 184 10.25 36.70 -0.96
N LEU C 185 10.47 38.01 -0.80
CA LEU C 185 9.48 39.02 -1.17
C LEU C 185 10.11 40.10 -2.03
N ALA C 187 11.02 43.02 -1.20
CA ALA C 187 11.97 43.07 -0.10
C ALA C 187 13.38 42.67 -0.55
N PRO C 188 14.41 43.03 0.22
CA PRO C 188 15.78 42.58 -0.08
C PRO C 188 16.17 41.27 0.59
N ALA C 189 16.92 40.45 -0.13
CA ALA C 189 17.27 39.10 0.34
C ALA C 189 18.45 39.18 1.31
N THR C 190 18.21 38.87 2.58
CA THR C 190 19.16 39.03 3.67
C THR C 190 19.70 37.73 4.26
N VAL C 191 19.18 36.57 3.87
CA VAL C 191 19.70 35.28 4.30
C VAL C 191 20.31 34.59 3.11
N CYS C 192 21.62 34.28 3.19
CA CYS C 192 22.34 33.81 2.01
C CYS C 192 23.25 32.64 2.37
N GLY C 193 23.40 31.73 1.41
CA GLY C 193 24.39 30.69 1.54
C GLY C 193 25.79 31.21 1.28
N PRO C 194 26.78 30.36 1.57
CA PRO C 194 28.18 30.73 1.31
C PRO C 194 28.42 31.07 -0.16
N LYS C 195 29.31 32.03 -0.39
CA LYS C 195 29.59 32.53 -1.74
C LYS C 195 28.32 32.97 -2.44
N GLN D 1 29.75 14.26 -0.46
CA GLN D 1 28.95 13.72 -1.57
C GLN D 1 28.51 12.28 -1.31
N MET D 2 27.31 11.95 -1.76
CA MET D 2 26.79 10.61 -1.57
C MET D 2 26.69 9.93 -2.92
N GLN D 3 26.75 8.59 -2.91
CA GLN D 3 26.81 7.81 -4.14
C GLN D 3 25.89 6.60 -4.04
N LEU D 4 25.38 6.15 -5.19
CA LEU D 4 24.44 5.04 -5.28
C LEU D 4 25.07 3.87 -6.02
N VAL D 5 24.92 2.66 -5.48
CA VAL D 5 25.41 1.47 -6.14
C VAL D 5 24.28 0.47 -6.29
N GLN D 6 24.07 -0.03 -7.51
CA GLN D 6 23.02 -0.97 -7.80
C GLN D 6 23.56 -2.40 -7.88
N SER D 7 22.62 -3.36 -7.81
CA SER D 7 22.92 -4.77 -7.97
C SER D 7 23.14 -5.12 -9.46
N GLY D 8 23.70 -6.31 -9.70
CA GLY D 8 24.24 -6.64 -10.99
C GLY D 8 23.22 -7.16 -11.99
N THR D 9 23.74 -7.57 -13.16
CA THR D 9 22.91 -7.96 -14.31
C THR D 9 22.01 -9.13 -13.98
N GLU D 10 20.83 -9.12 -14.59
CA GLU D 10 19.79 -10.09 -14.32
C GLU D 10 19.26 -10.65 -15.63
N VAL D 11 19.24 -11.98 -15.73
CA VAL D 11 18.66 -12.71 -16.84
C VAL D 11 17.62 -13.65 -16.26
N LYS D 12 16.40 -13.60 -16.80
CA LYS D 12 15.26 -14.22 -16.18
C LYS D 12 14.32 -14.72 -17.27
N LYS D 13 13.71 -15.88 -17.02
CA LYS D 13 12.65 -16.39 -17.89
C LYS D 13 11.33 -15.68 -17.56
N PRO D 14 10.45 -15.49 -18.55
CA PRO D 14 9.17 -14.83 -18.27
C PRO D 14 8.40 -15.55 -17.17
N GLY D 15 7.89 -14.78 -16.21
CA GLY D 15 7.09 -15.32 -15.14
C GLY D 15 7.81 -15.44 -13.82
N GLU D 16 9.15 -15.37 -13.84
CA GLU D 16 9.88 -15.35 -12.58
C GLU D 16 9.71 -14.01 -11.88
N SER D 17 9.91 -14.03 -10.58
CA SER D 17 9.89 -12.79 -9.83
C SER D 17 11.31 -12.23 -9.78
N LEU D 18 11.41 -10.94 -9.47
CA LEU D 18 12.73 -10.32 -9.45
C LEU D 18 12.74 -9.10 -8.54
N LYS D 19 13.85 -8.92 -7.85
CA LYS D 19 14.00 -7.81 -6.90
C LYS D 19 15.42 -7.28 -7.03
N ILE D 20 15.55 -6.11 -7.64
CA ILE D 20 16.82 -5.44 -7.75
C ILE D 20 16.91 -4.37 -6.65
N SER D 21 18.14 -3.99 -6.32
CA SER D 21 18.39 -3.14 -5.17
C SER D 21 19.36 -2.01 -5.53
N CYS D 22 19.37 -1.00 -4.66
CA CYS D 22 20.15 0.21 -4.87
C CYS D 22 20.53 0.74 -3.50
N LYS D 23 21.83 0.75 -3.18
CA LYS D 23 22.32 1.08 -1.85
C LYS D 23 23.11 2.38 -1.85
N GLY D 24 22.84 3.22 -0.86
CA GLY D 24 23.44 4.55 -0.78
C GLY D 24 24.55 4.63 0.25
N SER D 25 25.57 5.41 -0.05
CA SER D 25 26.69 5.57 0.87
C SER D 25 27.19 7.02 0.81
N GLY D 26 27.86 7.43 1.87
CA GLY D 26 28.42 8.76 1.94
C GLY D 26 27.56 9.68 2.79
N TYR D 27 27.95 10.94 2.76
CA TYR D 27 27.30 11.94 3.61
C TYR D 27 26.05 12.48 2.96
N GLY D 28 25.03 12.70 3.79
CA GLY D 28 23.83 13.37 3.36
C GLY D 28 22.68 12.46 3.02
N PHE D 29 22.84 11.15 3.18
CA PHE D 29 21.86 10.19 2.66
C PHE D 29 20.47 10.38 3.26
N ILE D 30 20.39 10.84 4.51
CA ILE D 30 19.11 11.02 5.20
C ILE D 30 18.15 11.88 4.39
N THR D 31 18.68 12.79 3.56
CA THR D 31 17.85 13.73 2.81
C THR D 31 17.41 13.23 1.45
N TYR D 32 17.82 12.05 1.02
CA TYR D 32 17.60 11.64 -0.35
C TYR D 32 16.33 10.83 -0.48
N TRP D 33 15.55 11.16 -1.50
CA TRP D 33 14.52 10.29 -2.01
C TRP D 33 15.06 9.57 -3.23
N ILE D 34 14.73 8.29 -3.34
CA ILE D 34 15.31 7.39 -4.33
C ILE D 34 14.20 7.06 -5.32
N GLY D 35 14.33 7.53 -6.55
CA GLY D 35 13.44 7.15 -7.62
C GLY D 35 14.03 6.05 -8.51
N TRP D 36 13.16 5.52 -9.35
CA TRP D 36 13.52 4.47 -10.30
C TRP D 36 13.14 4.90 -11.70
N VAL D 37 14.09 4.72 -12.62
CA VAL D 37 13.96 5.13 -14.02
C VAL D 37 14.19 3.90 -14.88
N ARG D 38 13.33 3.71 -15.87
CA ARG D 38 13.46 2.62 -16.82
C ARG D 38 13.93 3.16 -18.17
N GLN D 39 14.87 2.45 -18.81
CA GLN D 39 15.29 2.75 -20.17
C GLN D 39 15.21 1.45 -20.95
N MET D 40 14.23 1.34 -21.81
CA MET D 40 14.14 0.16 -22.64
C MET D 40 15.13 0.30 -23.80
N PRO D 41 15.57 -0.81 -24.40
CA PRO D 41 16.61 -0.74 -25.44
C PRO D 41 16.29 0.27 -26.54
N GLY D 42 17.25 1.16 -26.78
CA GLY D 42 17.09 2.21 -27.77
C GLY D 42 16.05 3.27 -27.48
N LYS D 43 15.56 3.34 -26.24
CA LYS D 43 14.46 4.23 -25.91
C LYS D 43 14.90 5.24 -24.85
N GLY D 44 13.98 6.11 -24.47
CA GLY D 44 14.26 7.19 -23.54
C GLY D 44 14.10 6.74 -22.10
N LEU D 45 14.12 7.73 -21.21
CA LEU D 45 14.00 7.50 -19.78
C LEU D 45 12.54 7.62 -19.33
N GLU D 46 12.19 6.84 -18.31
CA GLU D 46 10.81 6.72 -17.86
C GLU D 46 10.79 6.75 -16.34
N TRP D 47 10.17 7.76 -15.76
CA TRP D 47 10.08 7.79 -14.30
C TRP D 47 9.07 6.75 -13.82
N MET D 48 9.50 5.87 -12.93
CA MET D 48 8.63 4.83 -12.40
C MET D 48 8.03 5.14 -11.03
N GLY D 49 8.74 5.85 -10.20
CA GLY D 49 8.32 6.03 -8.82
C GLY D 49 9.48 6.50 -7.99
N ILE D 50 9.15 6.82 -6.74
CA ILE D 50 10.11 7.46 -5.83
C ILE D 50 9.72 7.05 -4.42
N ILE D 51 10.72 6.89 -3.55
CA ILE D 51 10.49 6.51 -2.17
C ILE D 51 11.38 7.33 -1.24
N TYR D 52 10.83 7.77 -0.10
CA TYR D 52 11.67 8.33 0.97
C TYR D 52 12.06 7.23 1.95
N PRO D 53 13.32 6.79 1.98
CA PRO D 53 13.67 5.59 2.78
C PRO D 53 13.48 5.77 4.27
N GLY D 54 13.60 6.99 4.81
CA GLY D 54 13.44 7.17 6.25
C GLY D 54 12.09 6.74 6.76
N ASP D 55 11.07 6.70 5.90
CA ASP D 55 9.74 6.28 6.34
C ASP D 55 8.95 5.57 5.25
N SER D 56 9.56 5.18 4.14
CA SER D 56 8.92 4.41 3.07
C SER D 56 7.69 5.09 2.47
N GLU D 57 7.58 6.42 2.62
CA GLU D 57 6.61 7.15 1.81
C GLU D 57 6.91 6.91 0.33
N THR D 58 5.95 6.35 -0.40
CA THR D 58 6.18 5.93 -1.78
C THR D 58 5.18 6.64 -2.71
N ARG D 59 5.65 6.99 -3.92
CA ARG D 59 4.79 7.59 -4.95
C ARG D 59 5.09 6.91 -6.26
N TYR D 60 4.08 6.33 -6.87
CA TYR D 60 4.26 5.63 -8.15
C TYR D 60 3.87 6.53 -9.32
N SER D 61 4.40 6.20 -10.42
CA SER D 61 3.89 6.75 -11.66
C SER D 61 2.63 5.98 -12.07
N PRO D 62 1.64 6.67 -12.62
CA PRO D 62 0.39 5.99 -13.01
C PRO D 62 0.60 4.80 -13.92
N SER D 63 1.57 4.90 -14.83
CA SER D 63 1.89 3.77 -15.71
C SER D 63 2.38 2.57 -14.93
N PHE D 64 3.05 2.78 -13.80
CA PHE D 64 3.72 1.69 -13.11
C PHE D 64 3.02 1.28 -11.84
N GLN D 65 1.95 1.99 -11.47
CA GLN D 65 1.08 1.57 -10.38
C GLN D 65 0.60 0.13 -10.61
N GLY D 66 0.76 -0.71 -9.59
CA GLY D 66 0.34 -2.08 -9.71
C GLY D 66 1.30 -2.97 -10.48
N GLN D 67 2.18 -2.37 -11.29
CA GLN D 67 3.15 -3.10 -12.10
C GLN D 67 4.36 -3.57 -11.28
N VAL D 68 4.81 -2.77 -10.33
CA VAL D 68 6.04 -3.02 -9.59
C VAL D 68 5.86 -2.53 -8.17
N THR D 69 6.82 -2.89 -7.33
CA THR D 69 6.80 -2.56 -5.91
C THR D 69 8.10 -1.88 -5.55
N ILE D 70 8.01 -0.66 -5.08
CA ILE D 70 9.17 0.08 -4.60
C ILE D 70 9.14 0.01 -3.09
N SER D 71 10.27 -0.34 -2.50
CA SER D 71 10.36 -0.48 -1.06
C SER D 71 11.73 -0.02 -0.62
N ALA D 72 11.94 0.01 0.69
CA ALA D 72 13.19 0.49 1.27
C ALA D 72 13.42 -0.20 2.59
N ASP D 73 14.70 -0.39 2.90
CA ASP D 73 15.21 -0.86 4.18
C ASP D 73 16.15 0.23 4.69
N LYS D 74 15.65 1.03 5.63
CA LYS D 74 16.41 2.19 6.09
C LYS D 74 17.69 1.78 6.82
N SER D 75 17.77 0.57 7.39
CA SER D 75 18.93 0.18 8.18
C SER D 75 20.17 0.02 7.33
N ILE D 76 20.05 -0.60 6.16
CA ILE D 76 21.18 -0.81 5.27
C ILE D 76 21.17 0.18 4.10
N ASN D 77 20.39 1.26 4.21
CA ASN D 77 20.34 2.35 3.23
C ASN D 77 19.97 1.86 1.84
N THR D 78 18.98 0.99 1.73
CA THR D 78 18.74 0.31 0.46
C THR D 78 17.30 0.52 -0.01
N ALA D 79 17.14 0.97 -1.25
CA ALA D 79 15.86 0.93 -1.94
C ALA D 79 15.79 -0.31 -2.83
N TYR D 80 14.57 -0.73 -3.16
CA TYR D 80 14.33 -1.95 -3.92
C TYR D 80 13.25 -1.70 -4.94
N LEU D 81 13.38 -2.39 -6.06
CA LEU D 81 12.37 -2.42 -7.10
C LEU D 81 12.07 -3.87 -7.40
N GLN D 82 10.79 -4.25 -7.40
CA GLN D 82 10.49 -5.66 -7.56
C GLN D 82 9.22 -5.94 -8.36
N TRP D 83 9.26 -7.06 -9.07
CA TRP D 83 8.19 -7.61 -9.88
C TRP D 83 7.80 -8.98 -9.34
N SER D 84 6.50 -9.23 -9.25
CA SER D 84 6.03 -10.55 -8.87
C SER D 84 6.05 -11.53 -10.04
N SER D 85 5.98 -11.04 -11.28
CA SER D 85 5.93 -11.90 -12.46
C SER D 85 6.39 -11.13 -13.69
N LEU D 86 7.52 -11.55 -14.28
CA LEU D 86 8.20 -10.76 -15.30
C LEU D 86 7.66 -11.06 -16.70
N LYS D 87 7.19 -10.03 -17.40
CA LYS D 87 6.97 -10.15 -18.84
C LYS D 87 8.31 -10.00 -19.57
N ALA D 88 8.33 -10.44 -20.83
CA ALA D 88 9.50 -10.13 -21.65
C ALA D 88 9.61 -8.64 -21.97
N SER D 89 8.50 -7.91 -21.85
CA SER D 89 8.49 -6.46 -22.07
C SER D 89 9.28 -5.71 -20.99
N ASP D 90 9.57 -6.37 -19.87
CA ASP D 90 10.30 -5.72 -18.79
C ASP D 90 11.81 -5.64 -19.06
N THR D 91 12.28 -6.24 -20.16
CA THR D 91 13.69 -6.15 -20.55
C THR D 91 14.07 -4.68 -20.76
N ALA D 92 15.03 -4.21 -19.96
CA ALA D 92 15.35 -2.79 -19.86
C ALA D 92 16.55 -2.63 -18.94
N ILE D 93 17.10 -1.43 -18.89
CA ILE D 93 18.02 -1.09 -17.82
C ILE D 93 17.28 -0.21 -16.83
N TYR D 94 17.41 -0.52 -15.54
CA TYR D 94 16.81 0.26 -14.46
C TYR D 94 17.88 1.04 -13.73
N TYR D 95 17.74 2.36 -13.70
CA TYR D 95 18.57 3.23 -12.88
C TYR D 95 17.82 3.61 -11.61
N CYS D 96 18.53 3.63 -10.50
CA CYS D 96 18.00 4.38 -9.37
C CYS D 96 18.70 5.72 -9.34
N ALA D 97 17.97 6.73 -8.86
CA ALA D 97 18.43 8.10 -8.92
C ALA D 97 17.96 8.79 -7.66
N GLY D 98 18.76 9.70 -7.15
CA GLY D 98 18.47 10.36 -5.89
C GLY D 98 18.31 11.86 -6.03
N GLY D 99 17.28 12.40 -5.40
CA GLY D 99 17.16 13.83 -5.21
C GLY D 99 16.96 14.13 -3.75
N SER D 100 17.67 15.15 -3.24
CA SER D 100 17.54 15.41 -1.81
C SER D 100 16.32 16.29 -1.58
N GLY D 101 15.16 15.66 -1.67
CA GLY D 101 13.89 16.31 -1.43
C GLY D 101 12.92 15.93 -2.53
N ILE D 102 11.63 16.02 -2.26
CA ILE D 102 10.61 15.88 -3.28
C ILE D 102 10.52 17.21 -4.02
N SER D 103 10.18 17.19 -5.31
CA SER D 103 10.34 18.32 -6.21
C SER D 103 11.78 18.84 -6.20
N THR D 104 12.67 17.95 -6.65
CA THR D 104 14.11 18.17 -6.65
C THR D 104 14.67 17.43 -7.84
N PRO D 105 15.74 17.93 -8.47
CA PRO D 105 16.35 17.19 -9.57
C PRO D 105 17.11 15.98 -9.04
N MET D 106 17.34 15.01 -9.92
CA MET D 106 18.07 13.79 -9.55
C MET D 106 19.57 14.05 -9.61
N ASP D 107 20.12 14.39 -8.45
CA ASP D 107 21.55 14.66 -8.25
C ASP D 107 22.39 13.43 -8.55
N VAL D 108 22.04 12.31 -7.94
CA VAL D 108 22.92 11.16 -7.85
C VAL D 108 22.26 10.03 -8.62
N TRP D 109 23.08 9.29 -9.35
CA TRP D 109 22.60 8.19 -10.17
C TRP D 109 23.43 6.95 -9.87
N GLY D 110 22.75 5.81 -9.78
CA GLY D 110 23.45 4.54 -9.77
C GLY D 110 23.93 4.24 -11.17
N GLN D 111 24.64 3.12 -11.31
CA GLN D 111 25.29 2.83 -12.59
C GLN D 111 24.36 2.16 -13.59
N GLY D 112 23.21 1.66 -13.15
CA GLY D 112 22.30 0.90 -13.97
C GLY D 112 22.28 -0.58 -13.61
N THR D 113 21.13 -1.22 -13.85
CA THR D 113 20.98 -2.67 -13.77
C THR D 113 20.35 -3.17 -15.07
N THR D 114 21.07 -4.01 -15.82
CA THR D 114 20.50 -4.62 -17.03
C THR D 114 19.62 -5.80 -16.66
N VAL D 115 18.40 -5.84 -17.19
CA VAL D 115 17.49 -6.95 -16.95
C VAL D 115 16.99 -7.45 -18.30
N THR D 116 17.32 -8.70 -18.60
CA THR D 116 16.81 -9.41 -19.76
C THR D 116 15.79 -10.43 -19.29
N VAL D 117 14.59 -10.38 -19.87
CA VAL D 117 13.57 -11.42 -19.69
C VAL D 117 13.38 -12.09 -21.04
N SER D 118 13.87 -13.31 -21.16
CA SER D 118 13.73 -14.08 -22.38
C SER D 118 13.39 -15.52 -22.03
N SER D 119 12.61 -16.16 -22.90
CA SER D 119 12.40 -17.61 -22.81
C SER D 119 13.64 -18.38 -23.22
N ALA D 120 14.58 -17.75 -23.91
CA ALA D 120 15.84 -18.39 -24.30
C ALA D 120 16.63 -18.86 -23.07
N SER D 121 17.63 -19.68 -23.33
CA SER D 121 18.50 -20.22 -22.29
C SER D 121 19.94 -20.03 -22.74
N THR D 122 20.85 -20.15 -21.78
CA THR D 122 22.27 -19.94 -22.05
C THR D 122 22.70 -20.75 -23.25
N LYS D 123 23.51 -20.13 -24.11
CA LYS D 123 24.05 -20.80 -25.30
C LYS D 123 25.32 -20.07 -25.73
N GLY D 124 26.42 -20.80 -25.89
CA GLY D 124 27.62 -20.22 -26.42
C GLY D 124 27.44 -19.84 -27.88
N PRO D 125 28.36 -19.03 -28.41
CA PRO D 125 28.28 -18.64 -29.81
C PRO D 125 29.02 -19.61 -30.72
N SER D 126 28.64 -19.57 -32.01
CA SER D 126 29.45 -20.14 -33.08
C SER D 126 30.20 -19.01 -33.75
N VAL D 127 31.50 -19.20 -33.98
CA VAL D 127 32.33 -18.16 -34.56
C VAL D 127 32.76 -18.59 -35.96
N PHE D 128 32.52 -17.72 -36.91
CA PHE D 128 32.78 -18.00 -38.32
C PHE D 128 33.67 -16.91 -38.88
N PRO D 129 34.55 -17.25 -39.79
CA PRO D 129 35.41 -16.22 -40.39
C PRO D 129 34.70 -15.51 -41.53
N LEU D 130 35.00 -14.22 -41.63
CA LEU D 130 34.64 -13.39 -42.78
C LEU D 130 35.97 -13.11 -43.47
N ALA D 131 36.30 -13.91 -44.46
CA ALA D 131 37.65 -13.98 -44.99
C ALA D 131 37.93 -12.80 -45.92
N PRO D 132 39.17 -12.29 -45.89
CA PRO D 132 39.56 -11.27 -46.86
C PRO D 132 39.75 -11.87 -48.24
N SER D 133 39.29 -11.15 -49.25
CA SER D 133 39.34 -11.58 -50.64
C SER D 133 39.52 -10.35 -51.50
N SER D 134 39.35 -10.52 -52.81
CA SER D 134 39.38 -9.36 -53.70
C SER D 134 38.15 -8.47 -53.50
N LYS D 135 37.04 -9.07 -53.03
CA LYS D 135 35.79 -8.35 -52.79
C LYS D 135 35.79 -7.59 -51.47
N SER D 136 36.89 -7.65 -50.69
CA SER D 136 37.05 -6.85 -49.48
C SER D 136 38.39 -6.11 -49.46
N THR D 137 38.94 -5.76 -50.63
CA THR D 137 40.11 -4.90 -50.74
C THR D 137 39.71 -3.58 -51.39
N SER D 138 40.19 -2.47 -50.81
CA SER D 138 40.14 -1.13 -51.41
C SER D 138 41.58 -0.66 -51.61
N GLY D 139 42.22 -1.21 -52.64
CA GLY D 139 43.61 -0.99 -52.99
C GLY D 139 44.56 -0.77 -51.84
N GLY D 140 45.14 -1.82 -51.28
CA GLY D 140 46.16 -1.66 -50.25
C GLY D 140 45.66 -1.84 -48.83
N THR D 141 44.35 -1.72 -48.63
CA THR D 141 43.69 -2.11 -47.40
C THR D 141 42.77 -3.29 -47.68
N ALA D 142 42.81 -4.29 -46.81
CA ALA D 142 41.84 -5.38 -46.84
C ALA D 142 41.03 -5.38 -45.55
N ALA D 143 39.77 -5.79 -45.64
CA ALA D 143 38.91 -5.90 -44.47
C ALA D 143 38.63 -7.37 -44.19
N LEU D 144 38.64 -7.76 -42.92
CA LEU D 144 38.35 -9.15 -42.52
C LEU D 144 37.58 -9.14 -41.21
N GLY D 145 36.97 -10.27 -40.87
CA GLY D 145 36.13 -10.23 -39.70
C GLY D 145 35.79 -11.58 -39.12
N CYS D 146 34.99 -11.52 -38.07
CA CYS D 146 34.43 -12.67 -37.36
C CYS D 146 32.94 -12.47 -37.19
N LEU D 147 32.15 -13.45 -37.61
CA LEU D 147 30.74 -13.51 -37.28
C LEU D 147 30.55 -14.35 -36.01
N VAL D 148 29.97 -13.76 -34.97
CA VAL D 148 29.69 -14.41 -33.69
C VAL D 148 28.18 -14.59 -33.62
N LYS D 149 27.68 -15.81 -33.84
CA LYS D 149 26.28 -16.04 -34.12
C LYS D 149 25.63 -16.93 -33.06
N ASP D 150 24.36 -16.64 -32.74
CA ASP D 150 23.47 -17.48 -31.95
C ASP D 150 24.05 -17.76 -30.56
N TYR D 151 24.01 -16.73 -29.71
CA TYR D 151 24.40 -16.89 -28.32
C TYR D 151 23.37 -16.24 -27.42
N PHE D 152 23.41 -16.59 -26.14
CA PHE D 152 22.48 -16.05 -25.16
C PHE D 152 23.04 -16.32 -23.79
N PRO D 153 23.01 -15.35 -22.87
CA PRO D 153 22.55 -13.98 -23.10
C PRO D 153 23.72 -13.10 -23.56
N GLU D 154 23.54 -11.80 -23.44
CA GLU D 154 24.68 -10.91 -23.65
C GLU D 154 25.53 -10.86 -22.39
N PRO D 155 26.81 -10.44 -22.51
CA PRO D 155 27.54 -10.06 -23.73
C PRO D 155 28.63 -11.05 -24.12
N VAL D 156 29.11 -10.92 -25.36
CA VAL D 156 30.36 -11.50 -25.79
C VAL D 156 31.43 -10.42 -25.81
N THR D 157 32.68 -10.84 -25.69
CA THR D 157 33.84 -9.97 -25.86
C THR D 157 34.61 -10.47 -27.07
N VAL D 158 34.88 -9.57 -28.01
CA VAL D 158 35.65 -9.89 -29.20
C VAL D 158 36.89 -9.04 -29.21
N SER D 159 38.05 -9.69 -29.34
CA SER D 159 39.30 -8.97 -29.52
C SER D 159 40.05 -9.58 -30.70
N TRP D 160 41.10 -8.90 -31.14
CA TRP D 160 41.84 -9.32 -32.31
C TRP D 160 43.30 -9.55 -31.94
N ASN D 161 43.81 -10.72 -32.32
CA ASN D 161 45.19 -11.12 -32.08
C ASN D 161 45.55 -10.93 -30.61
N SER D 162 44.77 -11.59 -29.76
CA SER D 162 45.00 -11.59 -28.33
C SER D 162 44.92 -10.20 -27.72
N GLY D 163 44.28 -9.25 -28.42
CA GLY D 163 44.09 -7.90 -27.90
C GLY D 163 45.11 -6.87 -28.33
N ALA D 164 46.17 -7.28 -29.03
CA ALA D 164 47.15 -6.32 -29.53
C ALA D 164 46.59 -5.47 -30.66
N LEU D 165 45.86 -6.08 -31.60
CA LEU D 165 45.27 -5.41 -32.75
C LEU D 165 44.04 -4.62 -32.33
N THR D 166 44.19 -3.30 -32.20
CA THR D 166 43.05 -2.46 -31.83
C THR D 166 42.70 -1.38 -32.84
N SER D 167 43.62 -0.98 -33.72
CA SER D 167 43.33 0.10 -34.64
C SER D 167 42.52 -0.42 -35.83
N GLY D 168 41.45 0.30 -36.16
CA GLY D 168 40.60 -0.10 -37.27
C GLY D 168 39.59 -1.17 -36.95
N VAL D 169 39.47 -1.55 -35.67
CA VAL D 169 38.51 -2.57 -35.25
C VAL D 169 37.15 -1.91 -35.03
N HIS D 170 36.13 -2.52 -35.61
CA HIS D 170 34.74 -2.19 -35.32
C HIS D 170 34.05 -3.46 -34.89
N THR D 171 33.61 -3.51 -33.65
CA THR D 171 32.72 -4.55 -33.19
C THR D 171 31.31 -3.96 -33.12
N PHE D 172 30.42 -4.51 -33.92
CA PHE D 172 29.08 -3.94 -34.05
C PHE D 172 28.20 -4.38 -32.87
N PRO D 173 27.19 -3.60 -32.52
CA PRO D 173 26.29 -4.04 -31.45
C PRO D 173 25.49 -5.26 -31.89
N ALA D 174 25.22 -6.13 -30.94
CA ALA D 174 24.47 -7.35 -31.22
C ALA D 174 23.05 -7.00 -31.64
N VAL D 175 22.48 -7.82 -32.52
CA VAL D 175 21.06 -7.73 -32.86
C VAL D 175 20.39 -9.04 -32.48
N LEU D 176 19.19 -8.93 -31.92
CA LEU D 176 18.39 -10.07 -31.49
C LEU D 176 17.68 -10.64 -32.71
N GLN D 177 18.04 -11.85 -33.11
CA GLN D 177 17.32 -12.48 -34.21
C GLN D 177 15.97 -13.02 -33.71
N SER D 178 15.06 -13.24 -34.67
CA SER D 178 13.74 -13.79 -34.34
C SER D 178 13.82 -15.07 -33.53
N SER D 179 14.93 -15.81 -33.63
CA SER D 179 15.11 -17.01 -32.81
C SER D 179 15.20 -16.71 -31.31
N GLY D 180 15.43 -15.46 -30.91
CA GLY D 180 15.71 -15.17 -29.52
C GLY D 180 17.18 -15.24 -29.14
N LEU D 181 18.07 -15.45 -30.11
CA LEU D 181 19.49 -15.43 -29.85
C LEU D 181 20.12 -14.19 -30.47
N TYR D 182 21.28 -13.82 -29.95
CA TYR D 182 22.02 -12.65 -30.39
C TYR D 182 23.05 -13.04 -31.46
N SER D 183 23.31 -12.10 -32.36
CA SER D 183 24.34 -12.26 -33.38
C SER D 183 25.11 -10.94 -33.50
N LEU D 184 26.35 -11.02 -33.97
CA LEU D 184 27.30 -9.92 -33.86
C LEU D 184 28.42 -10.13 -34.87
N SER D 185 29.08 -9.06 -35.28
CA SER D 185 30.24 -9.16 -36.16
C SER D 185 31.34 -8.21 -35.72
N SER D 186 32.58 -8.65 -35.84
CA SER D 186 33.73 -7.79 -35.63
C SER D 186 34.51 -7.74 -36.92
N VAL D 187 34.91 -6.56 -37.33
CA VAL D 187 35.74 -6.39 -38.51
C VAL D 187 36.94 -5.53 -38.19
N VAL D 188 37.99 -5.70 -38.97
CA VAL D 188 39.20 -4.92 -38.87
C VAL D 188 39.75 -4.73 -40.28
N THR D 189 40.34 -3.56 -40.53
CA THR D 189 41.00 -3.25 -41.79
C THR D 189 42.51 -3.22 -41.57
N VAL D 190 43.24 -3.93 -42.43
CA VAL D 190 44.67 -4.13 -42.28
C VAL D 190 45.34 -3.83 -43.62
N PRO D 191 46.65 -3.60 -43.62
CA PRO D 191 47.37 -3.53 -44.90
C PRO D 191 47.28 -4.88 -45.60
N SER D 192 46.87 -4.86 -46.88
CA SER D 192 46.72 -6.13 -47.58
C SER D 192 48.06 -6.77 -47.91
N SER D 193 49.14 -5.99 -47.98
CA SER D 193 50.48 -6.56 -48.04
C SER D 193 50.76 -7.48 -46.86
N SER D 194 50.22 -7.15 -45.69
CA SER D 194 50.36 -7.99 -44.50
C SER D 194 49.49 -9.23 -44.57
N LEU D 195 48.62 -9.36 -45.57
CA LEU D 195 47.75 -10.52 -45.67
C LEU D 195 48.50 -11.81 -45.99
N GLY D 196 49.81 -11.77 -46.14
CA GLY D 196 50.58 -12.98 -46.36
C GLY D 196 51.62 -13.16 -45.29
N THR D 197 52.01 -12.05 -44.66
CA THR D 197 53.08 -12.05 -43.68
C THR D 197 52.60 -12.17 -42.23
N GLN D 198 51.38 -11.74 -41.91
CA GLN D 198 50.82 -11.91 -40.57
C GLN D 198 49.54 -12.75 -40.62
N THR D 199 49.24 -13.43 -39.51
CA THR D 199 47.98 -14.11 -39.35
C THR D 199 47.10 -13.34 -38.37
N TYR D 200 45.81 -13.28 -38.69
CA TYR D 200 44.82 -12.56 -37.90
C TYR D 200 43.91 -13.58 -37.23
N ILE D 201 43.77 -13.45 -35.93
CA ILE D 201 43.01 -14.37 -35.12
C ILE D 201 42.03 -13.55 -34.31
N CYS D 202 40.77 -13.94 -34.33
CA CYS D 202 39.80 -13.27 -33.48
C CYS D 202 39.51 -14.15 -32.27
N ASN D 203 39.45 -13.51 -31.11
CA ASN D 203 39.25 -14.14 -29.82
C ASN D 203 37.88 -13.74 -29.29
N VAL D 204 37.00 -14.72 -29.16
CA VAL D 204 35.63 -14.53 -28.69
C VAL D 204 35.53 -15.17 -27.31
N ASN D 205 35.01 -14.40 -26.34
CA ASN D 205 34.75 -14.92 -25.00
C ASN D 205 33.28 -14.68 -24.68
N HIS D 206 32.60 -15.73 -24.20
CA HIS D 206 31.22 -15.63 -23.75
C HIS D 206 31.22 -16.17 -22.33
N LYS D 207 31.35 -15.25 -21.37
CA LYS D 207 31.40 -15.62 -19.96
C LYS D 207 30.15 -16.35 -19.50
N PRO D 208 28.92 -15.92 -19.84
CA PRO D 208 27.73 -16.67 -19.39
C PRO D 208 27.74 -18.15 -19.72
N SER D 209 28.20 -18.53 -20.90
CA SER D 209 28.28 -19.94 -21.26
C SER D 209 29.66 -20.51 -21.02
N ASN D 210 30.57 -19.72 -20.44
CA ASN D 210 31.97 -20.09 -20.24
C ASN D 210 32.57 -20.71 -21.50
N THR D 211 32.49 -19.96 -22.61
CA THR D 211 33.01 -20.37 -23.91
C THR D 211 34.15 -19.44 -24.30
N LYS D 212 35.25 -20.00 -24.80
CA LYS D 212 36.30 -19.19 -25.39
C LYS D 212 36.68 -19.82 -26.72
N VAL D 213 36.54 -19.07 -27.80
CA VAL D 213 36.84 -19.55 -29.13
C VAL D 213 37.90 -18.63 -29.73
N ASP D 214 38.86 -19.21 -30.43
CA ASP D 214 39.85 -18.45 -31.19
C ASP D 214 39.80 -18.94 -32.64
N LYS D 215 39.37 -18.07 -33.56
CA LYS D 215 39.25 -18.42 -34.96
C LYS D 215 40.30 -17.70 -35.81
N LYS D 216 40.91 -18.44 -36.73
CA LYS D 216 41.88 -17.90 -37.67
C LYS D 216 41.14 -17.42 -38.92
N VAL D 217 41.40 -16.19 -39.34
CA VAL D 217 40.73 -15.63 -40.51
C VAL D 217 41.76 -15.52 -41.61
N GLU D 218 41.61 -16.35 -42.64
CA GLU D 218 42.65 -16.48 -43.63
C GLU D 218 42.15 -16.08 -45.02
N PRO D 219 43.04 -15.61 -45.90
CA PRO D 219 42.60 -15.21 -47.25
C PRO D 219 41.87 -16.33 -47.97
N LYS D 220 40.82 -15.95 -48.69
CA LYS D 220 39.90 -16.93 -49.28
C LYS D 220 40.62 -17.64 -50.42
N SER D 221 41.46 -18.60 -50.03
CA SER D 221 41.94 -19.65 -50.92
C SER D 221 40.89 -20.73 -51.14
N CYS D 222 39.80 -20.71 -50.35
CA CYS D 222 38.72 -21.70 -50.41
C CYS D 222 39.25 -23.13 -50.24
N ASP E 1 0.37 13.68 -16.82
CA ASP E 1 0.01 14.87 -16.07
C ASP E 1 0.65 16.10 -16.70
N ILE E 2 1.93 16.32 -16.47
CA ILE E 2 2.69 17.26 -17.27
C ILE E 2 3.49 16.46 -18.29
N GLN E 3 3.27 16.75 -19.56
CA GLN E 3 3.97 16.12 -20.67
C GLN E 3 5.03 17.06 -21.21
N LEU E 4 6.14 16.48 -21.66
CA LEU E 4 7.24 17.23 -22.22
C LEU E 4 7.49 16.76 -23.65
N THR E 5 7.83 17.71 -24.52
CA THR E 5 8.15 17.46 -25.92
C THR E 5 9.43 18.19 -26.25
N GLN E 6 10.40 17.49 -26.84
CA GLN E 6 11.68 18.07 -27.20
C GLN E 6 11.81 18.27 -28.71
N SER E 7 12.62 19.25 -29.10
CA SER E 7 12.82 19.50 -30.53
C SER E 7 14.24 20.01 -30.71
N PRO E 8 15.02 19.46 -31.65
CA PRO E 8 14.63 18.40 -32.57
C PRO E 8 14.69 17.00 -31.94
N ASP E 9 14.52 15.95 -32.75
CA ASP E 9 14.75 14.60 -32.24
C ASP E 9 16.22 14.22 -32.29
N SER E 10 16.96 14.81 -33.22
CA SER E 10 18.39 14.56 -33.37
C SER E 10 19.01 15.81 -33.97
N LEU E 11 20.28 16.03 -33.67
CA LEU E 11 20.89 17.31 -33.97
C LEU E 11 22.35 17.07 -34.30
N ALA E 12 22.85 17.70 -35.37
CA ALA E 12 24.24 17.56 -35.79
C ALA E 12 24.88 18.93 -35.81
N VAL E 13 25.95 19.11 -35.03
CA VAL E 13 26.58 20.41 -34.84
C VAL E 13 28.06 20.27 -35.12
N SER E 14 28.62 21.21 -35.88
CA SER E 14 30.06 21.23 -36.10
C SER E 14 30.78 21.49 -34.79
N LEU E 15 32.02 21.00 -34.69
CA LEU E 15 32.89 21.39 -33.59
C LEU E 15 32.94 22.90 -33.44
N GLY E 16 32.92 23.35 -32.18
CA GLY E 16 32.97 24.76 -31.85
C GLY E 16 31.73 25.56 -32.17
N GLU E 17 30.67 24.97 -32.71
CA GLU E 17 29.45 25.72 -32.98
C GLU E 17 28.39 25.46 -31.92
N ARG E 18 27.21 26.07 -32.13
CA ARG E 18 26.14 26.16 -31.14
C ARG E 18 25.10 25.07 -31.38
N ALA E 19 24.74 24.33 -30.33
CA ALA E 19 23.62 23.42 -30.35
C ALA E 19 22.48 24.02 -29.54
N THR E 20 21.26 23.94 -30.07
CA THR E 20 20.07 24.41 -29.37
C THR E 20 19.03 23.30 -29.32
N ILE E 21 18.49 23.04 -28.14
CA ILE E 21 17.44 22.05 -27.95
C ILE E 21 16.30 22.70 -27.19
N ASN E 22 15.07 22.38 -27.56
CA ASN E 22 13.89 23.02 -27.00
C ASN E 22 13.02 22.00 -26.27
N CYS E 23 12.45 22.45 -25.16
CA CYS E 23 11.55 21.66 -24.36
C CYS E 23 10.28 22.48 -24.19
N LYS E 24 9.15 21.83 -24.43
CA LYS E 24 7.85 22.44 -24.33
C LYS E 24 7.02 21.54 -23.41
N SER E 25 6.44 22.14 -22.38
CA SER E 25 5.65 21.41 -21.39
C SER E 25 4.17 21.67 -21.58
N SER E 26 3.35 20.64 -21.38
CA SER E 26 1.90 20.80 -21.53
C SER E 26 1.32 21.83 -20.56
N GLN E 27 2.10 22.28 -19.59
CA GLN E 27 1.59 22.96 -18.40
C GLN E 27 2.76 23.72 -17.79
N SER E 28 2.51 24.94 -17.32
CA SER E 28 3.61 25.73 -16.77
C SER E 28 4.20 25.08 -15.52
N VAL E 29 5.53 25.20 -15.37
CA VAL E 29 6.26 24.67 -14.23
C VAL E 29 6.93 25.80 -13.45
N LEU E 30 6.50 27.05 -13.71
CA LEU E 30 6.95 28.17 -12.91
C LEU E 30 6.17 28.18 -11.60
N TYR E 31 6.87 27.96 -10.49
CA TYR E 31 6.30 28.10 -9.16
C TYR E 31 6.41 29.56 -8.75
N SER E 32 5.26 30.24 -8.67
CA SER E 32 5.27 31.70 -8.58
C SER E 32 5.82 32.19 -7.25
N SER E 33 5.53 31.47 -6.16
CA SER E 33 5.89 31.96 -4.84
C SER E 33 7.38 32.22 -4.70
N ILE E 34 8.23 31.44 -5.38
CA ILE E 34 9.69 31.61 -5.33
C ILE E 34 10.29 31.91 -6.68
N ASN E 35 9.48 31.97 -7.74
CA ASN E 35 9.91 32.38 -9.08
C ASN E 35 11.07 31.52 -9.58
N LYS E 36 10.77 30.22 -9.66
CA LYS E 36 11.69 29.23 -10.16
C LYS E 36 10.91 28.29 -11.06
N ASN E 37 11.53 27.88 -12.17
CA ASN E 37 10.96 26.85 -13.04
C ASN E 37 11.49 25.48 -12.64
N TYR E 38 10.59 24.53 -12.42
CA TYR E 38 11.00 23.20 -11.96
C TYR E 38 11.27 22.30 -13.16
N LEU E 39 12.34 22.65 -13.89
CA LEU E 39 12.80 21.99 -15.11
C LEU E 39 14.29 21.69 -15.02
N ALA E 40 14.69 20.52 -15.48
CA ALA E 40 16.06 20.06 -15.38
C ALA E 40 16.51 19.51 -16.72
N TRP E 41 17.81 19.61 -16.98
CA TRP E 41 18.43 19.01 -18.16
C TRP E 41 19.48 18.01 -17.72
N TYR E 42 19.41 16.80 -18.31
CA TYR E 42 20.33 15.68 -18.09
C TYR E 42 21.05 15.33 -19.39
N GLN E 43 22.25 14.78 -19.25
CA GLN E 43 23.10 14.34 -20.35
C GLN E 43 23.43 12.87 -20.16
N GLN E 44 23.25 12.06 -21.22
CA GLN E 44 23.53 10.62 -21.16
C GLN E 44 24.44 10.27 -22.33
N LYS E 45 25.72 10.03 -22.01
CA LYS E 45 26.65 9.50 -22.98
C LYS E 45 26.39 8.02 -23.16
N PRO E 46 26.81 7.44 -24.28
CA PRO E 46 26.48 6.03 -24.54
C PRO E 46 27.01 5.11 -23.44
N GLY E 47 26.14 4.23 -22.95
CA GLY E 47 26.50 3.26 -21.94
C GLY E 47 26.83 3.80 -20.57
N GLN E 48 26.51 5.04 -20.27
CA GLN E 48 26.66 5.58 -18.93
C GLN E 48 25.31 6.05 -18.40
N PRO E 49 25.15 6.16 -17.08
CA PRO E 49 23.92 6.71 -16.54
C PRO E 49 23.77 8.18 -16.92
N PRO E 50 22.55 8.70 -16.85
CA PRO E 50 22.37 10.15 -17.05
C PRO E 50 23.11 10.96 -16.01
N LYS E 51 23.44 12.19 -16.38
CA LYS E 51 24.08 13.12 -15.47
C LYS E 51 23.32 14.45 -15.48
N LEU E 52 22.98 14.96 -14.31
CA LEU E 52 22.34 16.27 -14.22
C LEU E 52 23.27 17.37 -14.72
N LEU E 53 22.80 18.16 -15.68
CA LEU E 53 23.54 19.32 -16.17
C LEU E 53 23.02 20.61 -15.56
N ILE E 54 21.72 20.83 -15.66
CA ILE E 54 21.14 22.11 -15.29
C ILE E 54 19.89 21.84 -14.48
N TYR E 55 19.67 22.65 -13.44
CA TYR E 55 18.42 22.58 -12.72
C TYR E 55 17.83 23.98 -12.57
N TRP E 56 16.55 24.01 -12.25
CA TRP E 56 15.76 25.25 -12.18
C TRP E 56 15.88 26.04 -13.47
N ALA E 57 15.76 25.32 -14.60
CA ALA E 57 15.78 25.86 -15.95
C ALA E 57 17.14 26.44 -16.37
N SER E 58 17.88 27.10 -15.46
CA SER E 58 19.05 27.84 -15.89
C SER E 58 20.24 27.76 -14.93
N THR E 59 20.18 26.98 -13.86
CA THR E 59 21.30 26.87 -12.93
C THR E 59 22.16 25.67 -13.27
N ARG E 60 23.44 25.91 -13.55
CA ARG E 60 24.39 24.84 -13.82
C ARG E 60 24.69 24.08 -12.55
N GLU E 61 24.67 22.76 -12.64
CA GLU E 61 25.19 21.90 -11.59
C GLU E 61 26.71 22.05 -11.49
N SER E 62 27.23 21.71 -10.31
CA SER E 62 28.66 21.74 -10.06
C SER E 62 29.45 20.93 -11.08
N GLY E 63 30.54 21.51 -11.57
CA GLY E 63 31.42 20.84 -12.50
C GLY E 63 30.99 20.94 -13.95
N VAL E 64 29.88 21.59 -14.23
CA VAL E 64 29.33 21.67 -15.58
C VAL E 64 29.93 22.90 -16.25
N PRO E 65 30.64 22.75 -17.37
CA PRO E 65 31.33 23.89 -17.98
C PRO E 65 30.35 24.98 -18.41
N ASP E 66 30.87 26.21 -18.54
CA ASP E 66 30.05 27.38 -18.81
C ASP E 66 29.40 27.34 -20.19
N ARG E 67 29.88 26.51 -21.11
CA ARG E 67 29.27 26.48 -22.44
C ARG E 67 27.89 25.83 -22.46
N PHE E 68 27.50 25.11 -21.39
CA PHE E 68 26.13 24.67 -21.24
C PHE E 68 25.31 25.78 -20.59
N SER E 69 24.14 26.04 -21.13
CA SER E 69 23.32 27.10 -20.55
C SER E 69 21.86 26.76 -20.78
N GLY E 70 21.03 27.10 -19.80
CA GLY E 70 19.60 26.88 -19.89
C GLY E 70 18.87 28.20 -19.82
N SER E 71 17.72 28.26 -20.50
CA SER E 71 16.94 29.47 -20.50
C SER E 71 15.46 29.13 -20.71
N GLY E 72 14.63 30.13 -20.53
CA GLY E 72 13.21 30.01 -20.77
C GLY E 72 12.41 30.04 -19.47
N SER E 73 11.10 30.09 -19.65
CA SER E 73 10.19 30.24 -18.53
C SER E 73 8.86 29.62 -18.87
N GLY E 74 8.15 29.24 -17.80
CA GLY E 74 6.78 28.77 -17.86
C GLY E 74 6.59 27.45 -18.57
N THR E 75 6.45 27.51 -19.90
CA THR E 75 6.30 26.30 -20.68
C THR E 75 7.34 26.13 -21.78
N ASP E 76 8.23 27.11 -21.97
CA ASP E 76 9.21 27.00 -23.06
C ASP E 76 10.61 27.16 -22.52
N PHE E 77 11.44 26.13 -22.73
CA PHE E 77 12.81 26.14 -22.26
C PHE E 77 13.76 25.72 -23.37
N THR E 78 15.02 26.09 -23.18
CA THR E 78 16.05 25.89 -24.20
C THR E 78 17.36 25.54 -23.52
N LEU E 79 17.96 24.43 -23.94
CA LEU E 79 19.35 24.11 -23.61
C LEU E 79 20.24 24.50 -24.78
N THR E 80 21.35 25.17 -24.48
CA THR E 80 22.26 25.71 -25.48
C THR E 80 23.66 25.24 -25.12
N ILE E 81 24.34 24.63 -26.08
CA ILE E 81 25.76 24.30 -25.97
C ILE E 81 26.51 25.26 -26.87
N SER E 82 27.32 26.14 -26.28
CA SER E 82 27.85 27.27 -27.03
C SER E 82 29.00 26.90 -27.97
N SER E 83 29.96 26.10 -27.53
CA SER E 83 31.11 25.75 -28.37
C SER E 83 31.25 24.25 -28.27
N LEU E 84 30.41 23.56 -29.04
CA LEU E 84 30.33 22.12 -29.00
C LEU E 84 31.71 21.47 -29.05
N GLN E 85 31.96 20.52 -28.15
CA GLN E 85 33.21 19.80 -28.06
C GLN E 85 32.97 18.33 -28.29
N ALA E 86 34.06 17.58 -28.48
CA ALA E 86 33.94 16.15 -28.76
C ALA E 86 33.24 15.42 -27.62
N GLU E 87 33.58 15.75 -26.37
CA GLU E 87 33.00 15.08 -25.20
C GLU E 87 31.49 15.26 -25.10
N ASP E 88 30.91 16.28 -25.74
CA ASP E 88 29.49 16.60 -25.58
C ASP E 88 28.54 15.73 -26.40
N VAL E 89 29.05 14.77 -27.19
CA VAL E 89 28.18 13.89 -27.96
C VAL E 89 27.42 12.98 -27.00
N ALA E 90 26.09 13.02 -27.06
CA ALA E 90 25.28 12.37 -26.03
C ALA E 90 23.81 12.59 -26.37
N VAL E 91 22.93 11.93 -25.62
CA VAL E 91 21.50 12.23 -25.67
C VAL E 91 21.17 13.13 -24.50
N TYR E 92 20.45 14.22 -24.76
CA TYR E 92 20.07 15.20 -23.75
C TYR E 92 18.57 15.12 -23.50
N TYR E 93 18.17 15.02 -22.23
CA TYR E 93 16.78 14.95 -21.82
C TYR E 93 16.41 16.16 -20.96
N CYS E 94 15.21 16.66 -21.15
CA CYS E 94 14.62 17.55 -20.17
C CYS E 94 13.70 16.76 -19.23
N GLN E 95 13.35 17.37 -18.10
CA GLN E 95 12.54 16.71 -17.08
C GLN E 95 11.88 17.77 -16.23
N GLN E 96 10.57 17.65 -16.01
CA GLN E 96 9.92 18.49 -15.03
C GLN E 96 9.86 17.75 -13.70
N TYR E 97 10.18 18.46 -12.61
CA TYR E 97 9.98 17.97 -11.25
C TYR E 97 9.07 18.91 -10.47
N TYR E 98 8.21 19.64 -11.18
CA TYR E 98 7.19 20.45 -10.53
C TYR E 98 6.27 19.59 -9.68
N SER E 99 5.74 18.51 -10.25
CA SER E 99 4.78 17.66 -9.56
C SER E 99 5.07 16.20 -9.87
N THR E 100 4.77 15.31 -8.92
CA THR E 100 4.78 13.90 -9.24
C THR E 100 3.51 13.51 -9.99
N PRO E 101 3.58 12.64 -10.99
CA PRO E 101 4.80 11.95 -11.46
C PRO E 101 5.74 12.86 -12.26
N TYR E 102 7.03 12.65 -12.06
CA TYR E 102 8.02 13.30 -12.88
C TYR E 102 7.94 12.77 -14.30
N THR E 103 8.25 13.61 -15.27
CA THR E 103 8.25 13.16 -16.65
C THR E 103 9.49 13.67 -17.34
N PHE E 104 10.00 12.85 -18.24
CA PHE E 104 11.12 13.17 -19.10
C PHE E 104 10.60 13.52 -20.49
N GLY E 105 11.29 14.44 -21.15
CA GLY E 105 11.16 14.53 -22.58
C GLY E 105 11.74 13.30 -23.27
N GLN E 106 11.34 13.15 -24.52
CA GLN E 106 11.73 12.01 -25.34
C GLN E 106 13.24 11.91 -25.55
N GLY E 107 13.97 13.01 -25.47
CA GLY E 107 15.41 12.96 -25.68
C GLY E 107 15.83 13.50 -27.03
N THR E 108 17.07 14.02 -27.08
CA THR E 108 17.63 14.56 -28.32
C THR E 108 19.05 14.05 -28.45
N LYS E 109 19.36 13.31 -29.52
CA LYS E 109 20.73 12.88 -29.72
C LYS E 109 21.52 13.98 -30.41
N VAL E 110 22.69 14.29 -29.86
CA VAL E 110 23.59 15.32 -30.37
C VAL E 110 24.87 14.63 -30.81
N GLU E 111 25.11 14.68 -32.12
CA GLU E 111 26.23 14.07 -32.82
C GLU E 111 27.08 15.18 -33.43
N ILE E 112 28.35 14.87 -33.67
CA ILE E 112 29.26 15.81 -34.32
C ILE E 112 28.91 15.92 -35.79
N LYS E 113 28.75 17.15 -36.29
CA LYS E 113 28.61 17.31 -37.74
C LYS E 113 29.99 17.37 -38.39
N ARG E 114 30.21 16.40 -39.25
CA ARG E 114 31.42 16.12 -40.01
C ARG E 114 31.19 16.58 -41.44
N THR E 115 32.22 16.53 -42.25
CA THR E 115 31.97 16.65 -43.68
C THR E 115 31.57 15.28 -44.24
N VAL E 116 30.95 15.29 -45.42
CA VAL E 116 30.44 14.05 -45.98
C VAL E 116 31.61 13.12 -46.32
N ALA E 117 31.51 11.88 -45.87
CA ALA E 117 32.50 10.85 -46.14
C ALA E 117 31.77 9.66 -46.71
N ALA E 118 32.20 9.18 -47.89
CA ALA E 118 31.50 8.06 -48.52
C ALA E 118 31.94 6.73 -47.90
N PRO E 119 31.07 5.73 -47.89
CA PRO E 119 31.44 4.43 -47.31
C PRO E 119 32.42 3.68 -48.18
N SER E 120 33.29 2.92 -47.51
CA SER E 120 34.02 1.85 -48.18
C SER E 120 33.17 0.61 -48.09
N VAL E 121 32.97 -0.09 -49.20
CA VAL E 121 32.03 -1.22 -49.24
C VAL E 121 32.83 -2.50 -49.43
N PHE E 122 32.55 -3.49 -48.58
CA PHE E 122 33.20 -4.80 -48.62
C PHE E 122 32.14 -5.88 -48.52
N ILE E 123 32.40 -7.05 -49.08
CA ILE E 123 31.42 -8.12 -49.00
C ILE E 123 32.11 -9.45 -48.72
N PHE E 124 31.49 -10.25 -47.87
CA PHE E 124 32.07 -11.49 -47.35
C PHE E 124 31.09 -12.63 -47.60
N PRO E 125 31.47 -13.59 -48.44
CA PRO E 125 30.64 -14.79 -48.64
C PRO E 125 30.69 -15.67 -47.41
N PRO E 126 29.78 -16.63 -47.29
CA PRO E 126 29.76 -17.48 -46.08
C PRO E 126 31.02 -18.32 -45.99
N SER E 127 31.44 -18.59 -44.76
CA SER E 127 32.54 -19.51 -44.53
C SER E 127 32.05 -20.94 -44.74
N ASP E 128 33.00 -21.82 -45.10
CA ASP E 128 32.64 -23.22 -45.28
C ASP E 128 32.18 -23.87 -43.98
N GLU E 129 32.78 -23.46 -42.84
CA GLU E 129 32.32 -23.95 -41.54
C GLU E 129 30.81 -23.76 -41.40
N GLN E 130 30.34 -22.54 -41.66
CA GLN E 130 28.92 -22.26 -41.44
C GLN E 130 28.06 -23.00 -42.45
N LEU E 131 28.53 -23.11 -43.69
CA LEU E 131 27.73 -23.76 -44.73
C LEU E 131 27.51 -25.23 -44.42
N LYS E 132 28.53 -25.90 -43.85
CA LYS E 132 28.37 -27.28 -43.40
C LYS E 132 27.30 -27.40 -42.31
N SER E 133 26.99 -26.33 -41.59
CA SER E 133 26.05 -26.33 -40.49
C SER E 133 24.60 -26.08 -40.89
N GLY E 134 24.33 -25.77 -42.16
CA GLY E 134 22.97 -25.61 -42.64
C GLY E 134 22.57 -24.20 -43.00
N THR E 135 23.39 -23.19 -42.71
CA THR E 135 23.03 -21.79 -42.91
C THR E 135 24.14 -21.06 -43.64
N ALA E 136 23.75 -20.07 -44.46
CA ALA E 136 24.68 -19.18 -45.14
C ALA E 136 24.43 -17.76 -44.68
N SER E 137 25.49 -17.07 -44.27
CA SER E 137 25.40 -15.66 -43.93
C SER E 137 26.36 -14.88 -44.82
N VAL E 138 25.82 -14.01 -45.64
CA VAL E 138 26.60 -13.05 -46.41
C VAL E 138 26.67 -11.77 -45.59
N VAL E 139 27.83 -11.12 -45.57
CA VAL E 139 27.95 -9.88 -44.81
C VAL E 139 28.44 -8.77 -45.73
N CYS E 140 27.69 -7.67 -45.78
CA CYS E 140 28.13 -6.44 -46.38
C CYS E 140 28.58 -5.47 -45.31
N LEU E 141 29.70 -4.79 -45.55
CA LEU E 141 30.27 -3.89 -44.57
C LEU E 141 30.47 -2.52 -45.22
N LEU E 142 29.85 -1.50 -44.64
CA LEU E 142 30.07 -0.10 -44.98
C LEU E 142 30.98 0.51 -43.92
N ASN E 143 32.08 1.10 -44.35
CA ASN E 143 33.14 1.47 -43.42
C ASN E 143 33.40 2.96 -43.49
N ASN E 144 33.32 3.61 -42.33
CA ASN E 144 33.78 4.98 -42.07
C ASN E 144 33.14 5.99 -43.02
N PHE E 145 31.84 6.19 -42.82
CA PHE E 145 31.08 7.13 -43.66
C PHE E 145 30.35 8.16 -42.79
N TYR E 146 29.83 9.19 -43.46
CA TYR E 146 29.07 10.23 -42.79
C TYR E 146 28.30 11.00 -43.85
N PRO E 147 27.01 11.30 -43.64
CA PRO E 147 26.15 11.05 -42.45
C PRO E 147 25.81 9.58 -42.26
N ARG E 148 25.06 9.27 -41.19
CA ARG E 148 24.77 7.88 -40.88
C ARG E 148 23.67 7.27 -41.75
N GLU E 149 22.87 8.07 -42.43
CA GLU E 149 21.84 7.52 -43.31
C GLU E 149 22.49 6.87 -44.53
N ALA E 150 22.28 5.58 -44.69
CA ALA E 150 22.79 4.83 -45.84
C ALA E 150 21.81 3.71 -46.14
N LYS E 151 21.57 3.46 -47.41
CA LYS E 151 20.65 2.41 -47.85
C LYS E 151 21.44 1.21 -48.36
N VAL E 152 21.15 0.04 -47.81
CA VAL E 152 21.84 -1.18 -48.15
C VAL E 152 20.79 -2.21 -48.51
N GLN E 153 20.84 -2.72 -49.73
CA GLN E 153 19.83 -3.65 -50.21
C GLN E 153 20.50 -4.87 -50.82
N TRP E 154 19.96 -6.04 -50.48
CA TRP E 154 20.47 -7.29 -51.01
C TRP E 154 19.67 -7.68 -52.26
N LYS E 155 20.38 -8.03 -53.33
CA LYS E 155 19.77 -8.66 -54.50
C LYS E 155 20.43 -10.03 -54.73
N VAL E 156 19.60 -11.08 -54.78
CA VAL E 156 20.08 -12.44 -55.02
C VAL E 156 19.57 -12.84 -56.40
N ASP E 157 20.50 -12.99 -57.36
CA ASP E 157 20.16 -13.18 -58.77
C ASP E 157 19.24 -12.05 -59.24
N ASN E 158 19.56 -10.83 -58.82
CA ASN E 158 18.87 -9.58 -59.15
C ASN E 158 17.48 -9.46 -58.51
N ALA E 159 17.00 -10.48 -57.82
CA ALA E 159 15.77 -10.38 -57.03
C ALA E 159 16.03 -9.71 -55.68
N LEU E 160 15.17 -8.77 -55.30
CA LEU E 160 15.34 -8.00 -54.08
C LEU E 160 14.87 -8.79 -52.87
N GLN E 161 15.73 -8.89 -51.85
CA GLN E 161 15.43 -9.65 -50.65
C GLN E 161 14.61 -8.83 -49.67
N SER E 162 13.73 -9.51 -48.94
CA SER E 162 12.92 -8.87 -47.92
C SER E 162 12.83 -9.75 -46.68
N GLY E 163 13.07 -9.16 -45.52
CA GLY E 163 12.86 -9.86 -44.25
C GLY E 163 13.90 -10.89 -43.86
N ASN E 164 15.01 -11.00 -44.59
CA ASN E 164 16.02 -12.01 -44.28
C ASN E 164 17.39 -11.38 -44.02
N SER E 165 17.44 -10.10 -43.72
CA SER E 165 18.71 -9.46 -43.45
C SER E 165 18.52 -8.56 -42.25
N GLN E 166 19.63 -8.30 -41.56
CA GLN E 166 19.66 -7.45 -40.37
C GLN E 166 20.83 -6.49 -40.47
N GLU E 167 20.61 -5.23 -40.10
CA GLU E 167 21.72 -4.28 -40.13
C GLU E 167 22.00 -3.71 -38.74
N SER E 168 23.24 -3.29 -38.56
CA SER E 168 23.76 -2.86 -37.27
C SER E 168 24.75 -1.73 -37.54
N VAL E 169 24.80 -0.74 -36.65
CA VAL E 169 25.62 0.44 -36.88
C VAL E 169 26.41 0.78 -35.61
N THR E 170 27.63 1.29 -35.79
CA THR E 170 28.47 1.65 -34.66
C THR E 170 28.07 3.03 -34.11
N GLU E 171 28.60 3.36 -32.94
CA GLU E 171 28.44 4.72 -32.43
C GLU E 171 29.35 5.64 -33.24
N GLN E 172 29.14 6.95 -33.10
CA GLN E 172 30.04 7.87 -33.80
C GLN E 172 31.47 7.68 -33.28
N ASP E 173 32.42 7.69 -34.21
CA ASP E 173 33.80 7.38 -33.86
C ASP E 173 34.43 8.61 -33.22
N SER E 174 35.10 8.40 -32.10
CA SER E 174 35.70 9.51 -31.36
C SER E 174 36.81 10.19 -32.17
N LYS E 175 37.53 9.43 -33.00
CA LYS E 175 38.68 9.98 -33.70
C LYS E 175 38.30 10.75 -34.97
N ASP E 176 37.37 10.20 -35.79
CA ASP E 176 37.02 10.80 -37.08
C ASP E 176 35.53 11.12 -37.29
N SER E 177 34.68 10.87 -36.30
CA SER E 177 33.26 11.20 -36.35
C SER E 177 32.49 10.45 -37.43
N THR E 178 32.97 9.30 -37.89
CA THR E 178 32.25 8.54 -38.90
C THR E 178 31.50 7.36 -38.27
N TYR E 179 30.69 6.72 -39.10
CA TYR E 179 29.96 5.53 -38.72
C TYR E 179 30.41 4.34 -39.56
N SER E 180 30.15 3.15 -39.05
CA SER E 180 30.27 1.94 -39.83
C SER E 180 29.02 1.11 -39.61
N LEU E 181 28.75 0.26 -40.60
CA LEU E 181 27.49 -0.46 -40.69
C LEU E 181 27.77 -1.85 -41.24
N SER E 182 27.10 -2.85 -40.68
CA SER E 182 27.11 -4.20 -41.24
C SER E 182 25.69 -4.63 -41.53
N SER E 183 25.47 -5.17 -42.72
CA SER E 183 24.25 -5.87 -43.08
C SER E 183 24.56 -7.36 -43.25
N THR E 184 23.76 -8.19 -42.62
CA THR E 184 23.95 -9.63 -42.67
C THR E 184 22.69 -10.25 -43.29
N LEU E 185 22.88 -10.95 -44.40
CA LEU E 185 21.82 -11.70 -45.06
C LEU E 185 21.99 -13.18 -44.71
N THR E 186 21.01 -13.76 -44.03
CA THR E 186 21.09 -15.16 -43.66
C THR E 186 20.02 -15.97 -44.40
N LEU E 187 20.47 -17.04 -45.06
CA LEU E 187 19.63 -17.95 -45.82
C LEU E 187 19.85 -19.37 -45.33
N SER E 188 18.92 -20.26 -45.67
CA SER E 188 19.19 -21.68 -45.51
C SER E 188 20.27 -22.10 -46.51
N LYS E 189 20.94 -23.22 -46.20
CA LYS E 189 21.96 -23.73 -47.11
C LYS E 189 21.36 -24.14 -48.45
N ALA E 190 20.18 -24.79 -48.42
CA ALA E 190 19.47 -25.15 -49.63
C ALA E 190 19.22 -23.93 -50.51
N ASP E 191 18.67 -22.87 -49.92
CA ASP E 191 18.37 -21.65 -50.66
C ASP E 191 19.64 -20.99 -51.17
N TYR E 192 20.73 -21.08 -50.40
CA TYR E 192 21.99 -20.47 -50.84
C TYR E 192 22.55 -21.17 -52.07
N GLU E 193 22.42 -22.51 -52.14
CA GLU E 193 22.93 -23.22 -53.31
C GLU E 193 22.06 -23.06 -54.54
N LYS E 194 20.82 -22.58 -54.39
CA LYS E 194 19.90 -22.40 -55.51
C LYS E 194 20.22 -21.17 -56.37
N HIS E 195 21.12 -20.30 -55.94
CA HIS E 195 21.31 -19.03 -56.65
C HIS E 195 22.79 -18.73 -56.80
N LYS E 196 23.07 -17.84 -57.75
CA LYS E 196 24.42 -17.60 -58.22
C LYS E 196 24.95 -16.24 -57.76
N VAL E 197 24.35 -15.14 -58.19
CA VAL E 197 24.89 -13.82 -57.88
C VAL E 197 24.34 -13.36 -56.53
N TYR E 198 25.23 -12.83 -55.70
CA TYR E 198 24.86 -12.27 -54.40
C TYR E 198 25.43 -10.87 -54.37
N ALA E 199 24.55 -9.88 -54.34
CA ALA E 199 24.97 -8.51 -54.53
C ALA E 199 24.41 -7.63 -53.43
N CYS E 200 25.23 -6.67 -53.03
CA CYS E 200 24.90 -5.70 -52.01
C CYS E 200 24.95 -4.33 -52.69
N GLU E 201 23.84 -3.61 -52.64
CA GLU E 201 23.68 -2.32 -53.31
C GLU E 201 23.59 -1.23 -52.25
N VAL E 202 24.51 -0.28 -52.30
CA VAL E 202 24.70 0.72 -51.25
C VAL E 202 24.50 2.09 -51.85
N THR E 203 23.66 2.89 -51.19
CA THR E 203 23.37 4.27 -51.56
C THR E 203 23.72 5.19 -50.39
N HIS E 204 24.42 6.28 -50.69
CA HIS E 204 24.83 7.20 -49.65
C HIS E 204 25.18 8.53 -50.30
N GLN E 205 24.87 9.61 -49.59
CA GLN E 205 25.11 10.99 -50.01
C GLN E 205 26.49 11.20 -50.62
N GLY E 206 27.50 10.50 -50.12
CA GLY E 206 28.85 10.68 -50.60
C GLY E 206 29.19 9.87 -51.81
N LEU E 207 28.27 9.07 -52.31
CA LEU E 207 28.47 8.30 -53.53
C LEU E 207 27.70 8.99 -54.65
N SER E 208 28.43 9.38 -55.71
CA SER E 208 27.80 9.99 -56.88
C SER E 208 26.75 9.09 -57.53
N SER E 209 26.72 7.80 -57.21
CA SER E 209 25.80 6.83 -57.79
C SER E 209 25.84 5.55 -56.93
N PRO E 210 24.77 4.77 -56.96
CA PRO E 210 24.75 3.52 -56.17
C PRO E 210 25.94 2.62 -56.47
N VAL E 211 26.57 2.13 -55.41
CA VAL E 211 27.72 1.24 -55.46
C VAL E 211 27.25 -0.19 -55.23
N THR E 212 27.61 -1.11 -56.13
CA THR E 212 27.33 -2.52 -55.91
C THR E 212 28.61 -3.30 -55.64
N LYS E 213 28.53 -4.22 -54.69
CA LYS E 213 29.57 -5.20 -54.43
C LYS E 213 28.94 -6.56 -54.60
N SER E 214 29.51 -7.40 -55.45
CA SER E 214 28.87 -8.66 -55.82
C SER E 214 29.88 -9.79 -55.80
N PHE E 215 29.36 -11.01 -55.63
CA PHE E 215 30.18 -12.20 -55.82
C PHE E 215 29.31 -13.33 -56.34
N ASN E 216 29.95 -14.29 -57.02
CA ASN E 216 29.27 -15.49 -57.49
C ASN E 216 29.57 -16.66 -56.58
N ARG E 217 28.57 -17.50 -56.34
CA ARG E 217 28.71 -18.56 -55.34
C ARG E 217 29.71 -19.61 -55.82
N GLY E 218 30.57 -20.03 -54.90
CA GLY E 218 31.58 -21.04 -55.17
C GLY E 218 32.46 -20.71 -56.35
N GLU E 219 32.91 -19.45 -56.45
CA GLU E 219 33.79 -19.01 -57.53
C GLU E 219 34.86 -18.10 -56.94
N CYS E 220 35.55 -18.59 -55.93
CA CYS E 220 36.50 -17.82 -55.10
C CYS E 220 35.71 -16.63 -54.53
N SER E 221 36.28 -15.42 -54.53
CA SER E 221 35.54 -14.17 -54.30
C SER E 221 36.49 -13.01 -54.57
C1 NAG F . 24.55 21.00 17.59
C2 NAG F . 25.14 21.59 16.28
C3 NAG F . 26.08 20.59 15.60
C4 NAG F . 27.08 19.97 16.57
C5 NAG F . 26.34 19.43 17.78
C6 NAG F . 27.27 18.83 18.82
C7 NAG F . 23.87 23.19 14.86
C8 NAG F . 22.72 23.34 13.93
N2 NAG F . 24.06 21.96 15.36
O3 NAG F . 26.78 21.27 14.57
O4 NAG F . 27.74 18.87 15.96
O5 NAG F . 25.62 20.49 18.41
O6 NAG F . 26.54 18.42 19.97
O7 NAG F . 24.60 24.13 15.16
C1 NAG F . 29.12 19.13 15.63
C2 NAG F . 29.83 17.78 15.44
C3 NAG F . 31.27 18.00 14.99
C4 NAG F . 31.30 18.86 13.73
C5 NAG F . 30.56 20.17 13.99
C6 NAG F . 30.41 21.01 12.74
C7 NAG F . 28.87 16.05 16.92
C8 NAG F . 29.01 15.33 18.23
N2 NAG F . 29.80 16.99 16.67
O3 NAG F . 31.89 16.74 14.73
O4 NAG F . 32.65 19.14 13.35
O5 NAG F . 29.22 19.89 14.44
O6 NAG F . 29.42 20.50 11.87
O7 NAG F . 27.97 15.80 16.14
C1 BMA F . 32.99 18.49 12.09
C2 BMA F . 33.62 19.52 11.11
C3 BMA F . 33.95 18.83 9.77
C4 BMA F . 34.73 17.50 9.97
C5 BMA F . 34.07 16.59 11.08
C6 BMA F . 34.90 15.34 11.44
O2 BMA F . 34.86 20.02 11.60
O3 BMA F . 34.70 19.69 8.90
O4 BMA F . 34.80 16.80 8.73
O5 BMA F . 33.88 17.37 12.28
O6 BMA F . 34.25 14.59 12.47
C1 FUC F . 26.47 16.98 20.02
C2 FUC F . 26.06 16.63 21.46
C3 FUC F . 24.69 17.25 21.76
C4 FUC F . 23.66 16.71 20.76
C5 FUC F . 24.15 17.01 19.31
C6 FUC F . 23.27 16.43 18.20
O2 FUC F . 27.01 17.10 22.40
O3 FUC F . 24.26 16.89 23.09
O4 FUC F . 23.50 15.30 20.96
O5 FUC F . 25.52 16.53 19.09
#